data_7QOA
#
_entry.id   7QOA
#
_cell.length_a   108.246
_cell.length_b   209.027
_cell.length_c   102.452
_cell.angle_alpha   90.000
_cell.angle_beta   90.000
_cell.angle_gamma   90.000
#
_symmetry.space_group_name_H-M   'C 2 2 21'
#
loop_
_entity.id
_entity.type
_entity.pdbx_description
1 polymer 'Cytosine permease'
2 non-polymer 6-AMINOPYRIMIDIN-2(1H)-ONE
3 non-polymer DI-PALMITOYL-3-SN-PHOSPHATIDYLETHANOLAMINE
4 non-polymer DODECYL-BETA-D-MALTOSIDE
5 non-polymer '2,3-dihydroxypropyl (9Z)-octadec-9-enoate'
6 non-polymer 'SODIUM ION'
7 water water
#
_entity_poly.entity_id   1
_entity_poly.type   'polypeptide(L)'
_entity_poly.pdbx_seq_one_letter_code
;MSQDNNYSQGPVPISARKGGLALTFVMLGLTFFSASMWTGGALGTGLSFNDFFLAVLIGNLLLGIYTAFLGFIGSKTGLT
THLLARYSFGIKGSWLPSFLLGGTQVGWFGVGVAMFAIPVGKATGIDINLLIAVSGILMTITVFFGISALTVLSIIAVPA
IAILGSYSVYLAIHDMGGLSTLMNVKPTQPLDFNLALAMVVGSFISAGTLTADFVRFGRNPKVAVVVAIIAFFLGNTLMF
VFGAAGAASLGMADISDVMIAQGLLLPAIVVLGLNIWTTNDNALYASGLGFANITGLSSKKLSVINGIVGTVCALWLYNN
FVGWLTFLSAAIPPVGGVIIADYLMNKARYNTFNIATMQSVNWVALLAVAIGIVAGHWLPGIVPVNAVLGGAISYAVLNP
ILNRRTARQAEISHAGSLEVLFQ
;
_entity_poly.pdbx_strand_id   A,B
#
# COMPACT_ATOMS: atom_id res chain seq x y z
N ASP A 4 11.00 -21.86 -19.17
CA ASP A 4 11.07 -21.01 -17.98
C ASP A 4 10.35 -19.68 -18.19
N ASN A 5 9.37 -19.41 -17.31
CA ASN A 5 8.57 -18.19 -17.41
C ASN A 5 9.34 -16.94 -17.02
N ASN A 6 10.45 -17.07 -16.34
CA ASN A 6 11.24 -15.91 -15.97
C ASN A 6 12.29 -15.57 -17.03
N TYR A 7 12.31 -16.30 -18.14
CA TYR A 7 13.28 -16.12 -19.21
C TYR A 7 14.71 -16.10 -18.70
N SER A 8 15.08 -17.16 -17.97
CA SER A 8 16.40 -17.22 -17.35
C SER A 8 17.52 -17.55 -18.33
N GLN A 9 17.20 -18.03 -19.54
CA GLN A 9 18.21 -18.48 -20.48
C GLN A 9 18.32 -17.61 -21.73
N GLY A 10 17.51 -16.57 -21.85
CA GLY A 10 17.64 -15.69 -22.97
C GLY A 10 16.91 -14.37 -22.80
N PRO A 11 16.99 -13.50 -23.80
CA PRO A 11 16.41 -12.16 -23.68
C PRO A 11 14.90 -12.21 -23.47
N VAL A 12 14.40 -11.32 -22.62
CA VAL A 12 12.96 -11.17 -22.39
C VAL A 12 12.30 -10.81 -23.73
N PRO A 13 11.35 -11.58 -24.23
CA PRO A 13 10.72 -11.25 -25.52
C PRO A 13 9.80 -10.05 -25.39
N ILE A 14 9.56 -9.42 -26.55
CA ILE A 14 8.94 -8.09 -26.62
C ILE A 14 7.59 -8.07 -25.92
N SER A 15 6.82 -9.15 -26.04
CA SER A 15 5.50 -9.18 -25.42
C SER A 15 5.57 -9.28 -23.90
N ALA A 16 6.68 -9.75 -23.32
CA ALA A 16 6.79 -9.88 -21.88
C ALA A 16 7.44 -8.67 -21.20
N ARG A 17 7.82 -7.65 -21.96
CA ARG A 17 8.45 -6.48 -21.39
C ARG A 17 7.44 -5.66 -20.58
N LYS A 18 7.97 -4.81 -19.70
CA LYS A 18 7.15 -4.06 -18.75
C LYS A 18 7.52 -2.60 -18.85
N GLY A 19 6.64 -1.76 -18.28
CA GLY A 19 6.87 -0.33 -18.29
C GLY A 19 7.58 0.18 -17.05
N GLY A 20 8.05 1.43 -17.15
CA GLY A 20 8.81 2.02 -16.06
C GLY A 20 8.09 2.02 -14.73
N LEU A 21 6.76 2.09 -14.74
CA LEU A 21 6.03 2.16 -13.48
C LEU A 21 6.25 0.90 -12.65
N ALA A 22 6.04 -0.27 -13.26
CA ALA A 22 6.22 -1.52 -12.52
C ALA A 22 7.66 -1.67 -12.06
N LEU A 23 8.61 -1.42 -12.96
CA LEU A 23 10.02 -1.53 -12.61
C LEU A 23 10.46 -0.46 -11.62
N THR A 24 9.78 0.69 -11.58
CA THR A 24 10.12 1.63 -10.53
C THR A 24 9.73 1.08 -9.17
N PHE A 25 8.54 0.51 -9.07
CA PHE A 25 8.09 0.01 -7.78
C PHE A 25 8.88 -1.24 -7.37
N VAL A 26 9.17 -2.14 -8.32
CA VAL A 26 9.98 -3.32 -8.01
C VAL A 26 11.30 -2.90 -7.37
N MET A 27 11.96 -1.89 -7.95
CA MET A 27 13.27 -1.50 -7.45
C MET A 27 13.16 -0.71 -6.15
N LEU A 28 12.11 0.10 -5.96
CA LEU A 28 11.89 0.72 -4.66
C LEU A 28 11.57 -0.33 -3.62
N GLY A 29 10.88 -1.40 -4.05
CA GLY A 29 10.67 -2.53 -3.18
C GLY A 29 11.96 -3.19 -2.74
N LEU A 30 13.04 -3.02 -3.50
CA LEU A 30 14.30 -3.59 -3.05
C LEU A 30 14.95 -2.70 -1.98
N THR A 31 15.01 -1.39 -2.23
CA THR A 31 15.75 -0.50 -1.33
C THR A 31 14.98 -0.16 -0.06
N PHE A 32 13.64 -0.19 -0.09
CA PHE A 32 12.86 0.04 1.12
C PHE A 32 13.03 -1.16 2.03
N PHE A 33 14.07 -1.13 2.87
CA PHE A 33 14.52 -2.28 3.62
C PHE A 33 15.07 -1.84 4.99
N SER A 34 14.76 -2.64 6.02
CA SER A 34 15.15 -2.29 7.39
C SER A 34 16.66 -2.08 7.54
N ALA A 35 17.48 -2.88 6.85
CA ALA A 35 18.92 -2.77 7.05
C ALA A 35 19.44 -1.42 6.59
N SER A 36 18.78 -0.80 5.61
CA SER A 36 19.12 0.56 5.26
C SER A 36 18.71 1.55 6.34
N MET A 37 17.69 1.20 7.14
CA MET A 37 17.32 2.11 8.20
C MET A 37 18.33 2.01 9.33
N TRP A 38 18.73 0.78 9.64
CA TRP A 38 19.76 0.53 10.64
C TRP A 38 21.05 1.27 10.31
N THR A 39 21.55 1.10 9.08
CA THR A 39 22.76 1.80 8.68
C THR A 39 22.55 3.31 8.70
N GLY A 40 21.32 3.75 8.41
CA GLY A 40 21.01 5.17 8.49
C GLY A 40 21.10 5.70 9.91
N GLY A 41 20.78 4.86 10.89
CA GLY A 41 20.92 5.28 12.28
C GLY A 41 22.37 5.38 12.71
N ALA A 42 23.20 4.44 12.25
CA ALA A 42 24.63 4.54 12.50
C ALA A 42 25.19 5.83 11.95
N LEU A 43 24.97 6.08 10.66
CA LEU A 43 25.45 7.33 10.10
C LEU A 43 24.88 8.54 10.83
N GLY A 44 23.65 8.44 11.31
CA GLY A 44 23.03 9.56 11.98
C GLY A 44 23.69 9.88 13.31
N THR A 45 23.97 8.84 14.11
CA THR A 45 24.59 9.03 15.41
C THR A 45 26.09 9.33 15.32
N GLY A 46 26.76 8.99 14.22
CA GLY A 46 28.18 9.25 14.05
C GLY A 46 28.55 10.45 13.20
N LEU A 47 27.59 11.28 12.78
CA LEU A 47 27.89 12.38 11.88
C LEU A 47 27.05 13.60 12.20
N SER A 48 27.59 14.77 11.88
CA SER A 48 26.81 16.00 11.96
C SER A 48 25.67 15.95 10.96
N PHE A 49 24.65 16.78 11.21
CA PHE A 49 23.48 16.85 10.33
C PHE A 49 23.89 17.12 8.88
N ASN A 50 24.86 18.01 8.66
CA ASN A 50 25.31 18.28 7.31
C ASN A 50 26.14 17.13 6.75
N ASP A 51 27.02 16.56 7.57
CA ASP A 51 27.82 15.45 7.11
C ASP A 51 26.94 14.25 6.76
N PHE A 52 25.86 14.04 7.53
CA PHE A 52 24.95 12.95 7.24
C PHE A 52 24.36 13.09 5.84
N PHE A 53 23.70 14.22 5.54
CA PHE A 53 23.10 14.36 4.22
C PHE A 53 24.16 14.37 3.13
N LEU A 54 25.38 14.81 3.44
CA LEU A 54 26.39 14.79 2.38
C LEU A 54 26.86 13.38 2.11
N ALA A 55 27.02 12.57 3.16
CA ALA A 55 27.41 11.18 2.98
C ALA A 55 26.30 10.35 2.34
N VAL A 56 25.06 10.56 2.74
CA VAL A 56 23.98 9.74 2.23
C VAL A 56 23.72 10.08 0.76
N LEU A 57 23.76 11.37 0.42
CA LEU A 57 23.48 11.80 -0.95
C LEU A 57 24.61 11.42 -1.88
N ILE A 58 25.87 11.64 -1.48
CA ILE A 58 26.99 11.24 -2.32
C ILE A 58 27.01 9.73 -2.50
N GLY A 59 26.77 8.99 -1.43
CA GLY A 59 26.89 7.54 -1.52
C GLY A 59 25.82 6.94 -2.41
N ASN A 60 24.57 7.32 -2.18
CA ASN A 60 23.46 6.75 -2.92
C ASN A 60 23.44 7.21 -4.37
N LEU A 61 24.06 8.36 -4.67
CA LEU A 61 24.19 8.80 -6.04
C LEU A 61 25.20 7.93 -6.78
N LEU A 62 26.34 7.66 -6.14
CA LEU A 62 27.27 6.65 -6.64
C LEU A 62 26.55 5.31 -6.84
N LEU A 63 25.76 4.87 -5.85
CA LEU A 63 24.95 3.67 -6.06
C LEU A 63 24.04 3.84 -7.26
N GLY A 64 23.42 5.02 -7.40
CA GLY A 64 22.47 5.23 -8.46
C GLY A 64 23.10 5.22 -9.84
N ILE A 65 24.33 5.71 -9.95
CA ILE A 65 25.02 5.71 -11.24
C ILE A 65 25.47 4.30 -11.58
N TYR A 66 26.05 3.60 -10.61
CA TYR A 66 26.46 2.22 -10.82
C TYR A 66 25.29 1.35 -11.27
N THR A 67 24.12 1.51 -10.63
CA THR A 67 23.01 0.64 -10.99
C THR A 67 22.32 1.09 -12.27
N ALA A 68 22.40 2.37 -12.63
CA ALA A 68 21.77 2.78 -13.88
C ALA A 68 22.50 2.15 -15.06
N PHE A 69 23.84 2.14 -15.03
CA PHE A 69 24.62 1.43 -16.02
C PHE A 69 24.12 -0.01 -16.17
N LEU A 70 24.09 -0.74 -15.05
CA LEU A 70 23.69 -2.14 -15.11
C LEU A 70 22.26 -2.27 -15.62
N GLY A 71 21.39 -1.35 -15.21
CA GLY A 71 20.02 -1.42 -15.65
C GLY A 71 19.88 -1.05 -17.12
N PHE A 72 20.63 -0.04 -17.55
CA PHE A 72 20.69 0.32 -18.97
C PHE A 72 21.10 -0.89 -19.81
N ILE A 73 22.13 -1.62 -19.37
CA ILE A 73 22.59 -2.78 -20.13
C ILE A 73 21.57 -3.90 -20.06
N GLY A 74 21.02 -4.13 -18.86
CA GLY A 74 19.99 -5.15 -18.74
C GLY A 74 18.82 -4.90 -19.66
N SER A 75 18.43 -3.63 -19.80
CA SER A 75 17.23 -3.31 -20.58
C SER A 75 17.56 -3.29 -22.08
N LYS A 76 18.70 -2.71 -22.44
CA LYS A 76 19.14 -2.72 -23.83
C LYS A 76 19.08 -4.13 -24.43
N THR A 77 19.44 -5.15 -23.64
CA THR A 77 19.61 -6.52 -24.11
C THR A 77 18.49 -7.46 -23.70
N GLY A 78 17.73 -7.13 -22.67
CA GLY A 78 16.81 -8.11 -22.08
C GLY A 78 17.47 -9.28 -21.37
N LEU A 79 18.70 -9.12 -20.87
CA LEU A 79 19.42 -10.22 -20.22
C LEU A 79 19.54 -10.00 -18.71
N THR A 80 19.38 -11.08 -17.95
CA THR A 80 19.74 -11.07 -16.54
C THR A 80 21.23 -10.77 -16.38
N THR A 81 21.62 -10.37 -15.16
CA THR A 81 23.01 -10.13 -14.82
C THR A 81 23.88 -11.34 -15.17
N HIS A 82 23.34 -12.53 -14.94
CA HIS A 82 24.06 -13.78 -15.14
C HIS A 82 24.33 -14.03 -16.60
N LEU A 83 23.31 -13.90 -17.45
CA LEU A 83 23.54 -13.98 -18.90
C LEU A 83 24.50 -12.90 -19.36
N LEU A 84 24.34 -11.67 -18.84
CA LEU A 84 25.30 -10.65 -19.20
C LEU A 84 26.73 -11.11 -18.86
N ALA A 85 26.89 -11.80 -17.72
CA ALA A 85 28.22 -12.21 -17.28
C ALA A 85 28.86 -13.20 -18.23
N ARG A 86 28.05 -13.96 -18.98
CA ARG A 86 28.59 -14.86 -20.00
C ARG A 86 29.47 -14.15 -21.01
N TYR A 87 29.20 -12.88 -21.32
CA TYR A 87 30.07 -12.14 -22.26
C TYR A 87 31.46 -11.90 -21.68
N SER A 88 31.57 -11.58 -20.39
CA SER A 88 32.85 -11.15 -19.85
C SER A 88 33.58 -12.28 -19.12
N PHE A 89 32.83 -13.13 -18.42
CA PHE A 89 33.38 -14.25 -17.66
C PHE A 89 33.41 -15.55 -18.45
N GLY A 90 32.74 -15.59 -19.60
CA GLY A 90 32.56 -16.82 -20.34
C GLY A 90 31.27 -17.52 -19.95
N ILE A 91 30.85 -18.46 -20.79
CA ILE A 91 29.63 -19.21 -20.52
C ILE A 91 29.70 -19.88 -19.15
N LYS A 92 30.78 -20.64 -18.91
CA LYS A 92 30.93 -21.34 -17.63
C LYS A 92 31.61 -20.50 -16.58
N GLY A 93 32.51 -19.59 -17.00
CA GLY A 93 33.07 -18.64 -16.06
C GLY A 93 32.01 -17.90 -15.27
N SER A 94 30.89 -17.56 -15.93
CA SER A 94 29.82 -16.81 -15.28
C SER A 94 29.18 -17.58 -14.14
N TRP A 95 29.30 -18.90 -14.09
CA TRP A 95 28.82 -19.67 -12.95
C TRP A 95 29.40 -19.13 -11.65
N LEU A 96 30.64 -18.63 -11.71
CA LEU A 96 31.29 -18.11 -10.50
C LEU A 96 30.59 -16.85 -10.00
N PRO A 97 30.48 -15.76 -10.78
CA PRO A 97 29.63 -14.64 -10.34
C PRO A 97 28.22 -15.08 -9.99
N SER A 98 27.63 -15.98 -10.77
CA SER A 98 26.23 -16.33 -10.53
C SER A 98 26.06 -16.97 -9.16
N PHE A 99 27.03 -17.76 -8.70
CA PHE A 99 26.89 -18.41 -7.40
C PHE A 99 27.15 -17.45 -6.26
N LEU A 100 28.18 -16.62 -6.38
CA LEU A 100 28.45 -15.61 -5.37
C LEU A 100 27.29 -14.62 -5.24
N LEU A 101 26.80 -14.08 -6.36
CA LEU A 101 25.65 -13.18 -6.33
C LEU A 101 24.40 -13.88 -5.81
N GLY A 102 24.09 -15.04 -6.38
CA GLY A 102 22.89 -15.73 -5.97
C GLY A 102 22.99 -16.21 -4.53
N GLY A 103 24.13 -16.79 -4.17
CA GLY A 103 24.27 -17.37 -2.83
C GLY A 103 24.14 -16.33 -1.74
N THR A 104 24.78 -15.17 -1.92
CA THR A 104 24.67 -14.20 -0.85
C THR A 104 23.25 -13.68 -0.74
N GLN A 105 22.50 -13.68 -1.84
CA GLN A 105 21.12 -13.26 -1.77
C GLN A 105 20.27 -14.31 -1.07
N VAL A 106 20.57 -15.60 -1.25
CA VAL A 106 19.91 -16.59 -0.43
C VAL A 106 20.27 -16.37 1.04
N GLY A 107 21.52 -15.98 1.29
CA GLY A 107 21.93 -15.57 2.62
C GLY A 107 21.07 -14.44 3.15
N TRP A 108 21.06 -13.31 2.43
CA TRP A 108 20.28 -12.17 2.88
C TRP A 108 18.81 -12.54 3.07
N PHE A 109 18.29 -13.44 2.24
CA PHE A 109 16.90 -13.83 2.41
C PHE A 109 16.68 -14.47 3.77
N GLY A 110 17.49 -15.46 4.12
CA GLY A 110 17.35 -16.09 5.43
C GLY A 110 17.51 -15.08 6.54
N VAL A 111 18.53 -14.21 6.43
CA VAL A 111 18.69 -13.13 7.39
C VAL A 111 17.40 -12.35 7.53
N GLY A 112 16.82 -11.96 6.38
CA GLY A 112 15.64 -11.12 6.40
C GLY A 112 14.42 -11.81 6.96
N VAL A 113 14.31 -13.12 6.80
CA VAL A 113 13.20 -13.82 7.43
C VAL A 113 13.32 -13.70 8.93
N ALA A 114 14.54 -13.85 9.45
CA ALA A 114 14.79 -13.70 10.89
C ALA A 114 14.53 -12.29 11.36
N MET A 115 14.92 -11.28 10.57
CA MET A 115 14.61 -9.91 10.96
C MET A 115 13.12 -9.68 11.11
N PHE A 116 12.28 -10.53 10.51
CA PHE A 116 10.86 -10.33 10.77
C PHE A 116 10.39 -11.13 11.98
N ALA A 117 10.74 -12.43 12.02
CA ALA A 117 10.17 -13.34 13.02
C ALA A 117 10.67 -13.07 14.44
N ILE A 118 11.84 -12.45 14.61
CA ILE A 118 12.42 -12.26 15.93
C ILE A 118 11.75 -11.11 16.67
N PRO A 119 11.71 -9.88 16.13
CA PRO A 119 10.98 -8.82 16.84
C PRO A 119 9.53 -9.16 17.11
N VAL A 120 8.88 -9.86 16.19
CA VAL A 120 7.44 -10.12 16.31
C VAL A 120 7.17 -11.17 17.38
N GLY A 121 7.92 -12.27 17.37
CA GLY A 121 7.75 -13.26 18.41
C GLY A 121 8.11 -12.77 19.80
N LYS A 122 9.05 -11.82 19.88
CA LYS A 122 9.31 -11.17 21.16
C LYS A 122 8.14 -10.29 21.57
N ALA A 123 7.61 -9.50 20.63
CA ALA A 123 6.51 -8.60 20.96
C ALA A 123 5.21 -9.34 21.24
N THR A 124 5.04 -10.55 20.71
CA THR A 124 3.76 -11.22 20.75
C THR A 124 3.77 -12.53 21.51
N GLY A 125 4.94 -13.00 21.94
CA GLY A 125 5.04 -14.30 22.57
C GLY A 125 4.96 -15.49 21.64
N ILE A 126 4.57 -15.29 20.38
CA ILE A 126 4.47 -16.41 19.44
C ILE A 126 5.85 -17.00 19.19
N ASP A 127 5.89 -18.32 18.97
CA ASP A 127 7.14 -19.03 18.76
C ASP A 127 7.92 -18.43 17.58
N ILE A 128 9.18 -18.08 17.83
CA ILE A 128 10.04 -17.52 16.78
C ILE A 128 10.17 -18.51 15.63
N ASN A 129 10.35 -19.80 15.94
CA ASN A 129 10.43 -20.81 14.90
C ASN A 129 9.19 -20.81 14.02
N LEU A 130 8.00 -20.91 14.63
CA LEU A 130 6.77 -20.96 13.84
C LEU A 130 6.66 -19.75 12.92
N LEU A 131 7.06 -18.57 13.41
CA LEU A 131 6.96 -17.38 12.59
C LEU A 131 7.89 -17.45 11.38
N ILE A 132 9.11 -17.95 11.58
CA ILE A 132 10.03 -18.14 10.46
C ILE A 132 9.39 -19.04 9.40
N ALA A 133 8.90 -20.21 9.82
CA ALA A 133 8.24 -21.12 8.91
C ALA A 133 7.18 -20.41 8.09
N VAL A 134 6.27 -19.70 8.75
CA VAL A 134 5.14 -19.09 8.05
C VAL A 134 5.60 -17.92 7.19
N SER A 135 6.50 -17.07 7.72
CA SER A 135 6.99 -15.94 6.95
C SER A 135 7.69 -16.38 5.67
N GLY A 136 8.73 -17.21 5.81
CA GLY A 136 9.49 -17.64 4.64
C GLY A 136 8.68 -18.44 3.66
N ILE A 137 7.74 -19.26 4.15
CA ILE A 137 6.89 -20.03 3.26
C ILE A 137 6.03 -19.09 2.41
N LEU A 138 5.42 -18.09 3.06
CA LEU A 138 4.61 -17.12 2.32
C LEU A 138 5.47 -16.36 1.32
N MET A 139 6.68 -15.96 1.73
CA MET A 139 7.58 -15.23 0.85
C MET A 139 8.08 -16.13 -0.27
N THR A 140 8.21 -17.43 0.00
CA THR A 140 8.65 -18.35 -1.04
C THR A 140 7.55 -18.59 -2.06
N ILE A 141 6.30 -18.71 -1.60
CA ILE A 141 5.20 -18.93 -2.54
C ILE A 141 5.06 -17.76 -3.50
N THR A 142 5.22 -16.53 -2.99
CA THR A 142 5.01 -15.39 -3.88
C THR A 142 6.08 -15.32 -4.97
N VAL A 143 7.34 -15.70 -4.66
CA VAL A 143 8.40 -15.64 -5.67
C VAL A 143 8.17 -16.64 -6.81
N PHE A 144 7.40 -17.70 -6.58
CA PHE A 144 7.06 -18.62 -7.66
C PHE A 144 6.45 -17.91 -8.85
N PHE A 145 5.73 -16.81 -8.63
CA PHE A 145 5.01 -16.13 -9.68
C PHE A 145 5.79 -14.97 -10.31
N GLY A 146 7.08 -14.85 -10.01
CA GLY A 146 7.97 -14.07 -10.85
C GLY A 146 7.78 -12.57 -10.73
N ILE A 147 8.27 -11.89 -11.78
CA ILE A 147 8.21 -10.43 -11.88
C ILE A 147 6.81 -9.91 -11.66
N SER A 148 5.79 -10.72 -11.94
CA SER A 148 4.42 -10.28 -11.67
C SER A 148 4.16 -10.17 -10.17
N ALA A 149 4.60 -11.17 -9.41
CA ALA A 149 4.45 -11.11 -7.97
C ALA A 149 5.27 -9.97 -7.37
N LEU A 150 6.50 -9.78 -7.85
CA LEU A 150 7.30 -8.67 -7.32
C LEU A 150 6.60 -7.35 -7.59
N THR A 151 5.94 -7.23 -8.73
CA THR A 151 5.19 -6.01 -9.02
C THR A 151 4.04 -5.84 -8.04
N VAL A 152 3.28 -6.90 -7.79
CA VAL A 152 2.14 -6.79 -6.88
C VAL A 152 2.61 -6.40 -5.48
N LEU A 153 3.61 -7.11 -4.93
CA LEU A 153 4.03 -6.82 -3.57
C LEU A 153 4.53 -5.39 -3.44
N SER A 154 5.35 -4.93 -4.39
CA SER A 154 5.97 -3.63 -4.16
C SER A 154 5.01 -2.47 -4.45
N ILE A 155 4.07 -2.61 -5.39
CA ILE A 155 3.10 -1.51 -5.59
C ILE A 155 2.19 -1.40 -4.39
N ILE A 156 2.11 -2.43 -3.57
CA ILE A 156 1.37 -2.39 -2.32
C ILE A 156 2.27 -1.90 -1.18
N ALA A 157 3.48 -2.46 -1.08
CA ALA A 157 4.38 -2.16 0.03
C ALA A 157 4.90 -0.74 -0.04
N VAL A 158 5.41 -0.33 -1.20
CA VAL A 158 6.15 0.95 -1.28
C VAL A 158 5.30 2.12 -0.88
N PRO A 159 4.05 2.29 -1.35
CA PRO A 159 3.26 3.45 -0.89
C PRO A 159 3.04 3.46 0.62
N ALA A 160 2.73 2.32 1.21
CA ALA A 160 2.47 2.30 2.64
C ALA A 160 3.74 2.60 3.43
N ILE A 161 4.89 2.12 2.96
CA ILE A 161 6.13 2.37 3.69
C ILE A 161 6.50 3.84 3.64
N ALA A 162 6.50 4.42 2.43
CA ALA A 162 6.88 5.82 2.30
C ALA A 162 5.97 6.71 3.13
N ILE A 163 4.66 6.43 3.12
CA ILE A 163 3.69 7.36 3.68
C ILE A 163 3.53 7.14 5.17
N LEU A 164 3.34 5.90 5.61
CA LEU A 164 3.30 5.64 7.04
C LEU A 164 4.64 5.94 7.69
N GLY A 165 5.72 5.51 7.05
CA GLY A 165 7.04 5.83 7.57
C GLY A 165 7.28 7.32 7.66
N SER A 166 6.90 8.06 6.61
CA SER A 166 7.13 9.51 6.63
C SER A 166 6.35 10.18 7.75
N TYR A 167 5.09 9.79 7.91
CA TYR A 167 4.32 10.38 8.99
C TYR A 167 5.00 10.14 10.33
N SER A 168 5.56 8.93 10.51
CA SER A 168 6.24 8.58 11.76
C SER A 168 7.51 9.40 11.98
N VAL A 169 8.28 9.64 10.91
CA VAL A 169 9.41 10.56 11.00
C VAL A 169 8.94 11.94 11.41
N TYR A 170 7.80 12.41 10.84
CA TYR A 170 7.29 13.73 11.17
C TYR A 170 6.96 13.85 12.66
N LEU A 171 6.16 12.90 13.18
CA LEU A 171 5.87 12.86 14.60
C LEU A 171 7.14 12.93 15.43
N ALA A 172 8.14 12.12 15.06
CA ALA A 172 9.33 11.98 15.89
C ALA A 172 10.15 13.27 15.92
N ILE A 173 10.24 13.98 14.80
CA ILE A 173 10.98 15.23 14.83
C ILE A 173 10.17 16.30 15.52
N HIS A 174 8.84 16.24 15.39
CA HIS A 174 7.98 17.17 16.12
C HIS A 174 8.13 16.98 17.62
N ASP A 175 7.93 15.75 18.11
CA ASP A 175 7.97 15.49 19.55
C ASP A 175 9.35 15.70 20.15
N MET A 176 10.36 15.89 19.31
CA MET A 176 11.74 16.02 19.72
C MET A 176 12.15 17.48 19.94
N GLY A 177 11.29 18.43 19.59
CA GLY A 177 11.67 19.81 19.52
C GLY A 177 11.89 20.36 18.13
N GLY A 178 11.52 19.60 17.08
CA GLY A 178 11.62 20.09 15.72
C GLY A 178 13.02 20.00 15.13
N LEU A 179 13.14 20.55 13.93
CA LEU A 179 14.40 20.47 13.20
C LEU A 179 15.54 21.15 13.96
N SER A 180 15.24 22.24 14.68
CA SER A 180 16.27 22.95 15.42
C SER A 180 16.97 22.03 16.43
N THR A 181 16.20 21.30 17.22
CA THR A 181 16.85 20.38 18.16
C THR A 181 17.70 19.37 17.42
N LEU A 182 17.15 18.81 16.34
CA LEU A 182 17.83 17.75 15.59
C LEU A 182 19.21 18.19 15.10
N MET A 183 19.30 19.40 14.55
CA MET A 183 20.56 19.90 14.01
C MET A 183 21.54 20.39 15.08
N ASN A 184 21.21 20.27 16.37
CA ASN A 184 22.15 20.57 17.45
C ASN A 184 22.76 19.33 18.07
N VAL A 185 22.20 18.14 17.80
CA VAL A 185 22.75 16.90 18.34
C VAL A 185 24.17 16.73 17.81
N LYS A 186 25.06 16.18 18.65
CA LYS A 186 26.47 16.08 18.35
C LYS A 186 26.95 14.65 18.56
N PRO A 187 27.65 14.06 17.59
CA PRO A 187 28.31 12.77 17.85
C PRO A 187 29.46 12.97 18.82
N THR A 188 29.59 12.05 19.79
CA THR A 188 30.71 12.15 20.70
C THR A 188 31.99 11.61 20.07
N GLN A 189 31.85 10.80 19.02
CA GLN A 189 32.99 10.18 18.33
C GLN A 189 32.66 10.13 16.84
N PRO A 190 32.96 11.21 16.10
CA PRO A 190 32.52 11.30 14.70
C PRO A 190 33.06 10.17 13.83
N LEU A 191 32.23 9.73 12.91
CA LEU A 191 32.56 8.66 11.98
C LEU A 191 33.44 9.19 10.86
N ASP A 192 34.48 8.43 10.52
CA ASP A 192 35.26 8.73 9.33
C ASP A 192 34.35 8.86 8.11
N PHE A 193 34.52 9.96 7.39
CA PHE A 193 33.61 10.23 6.29
C PHE A 193 33.70 9.15 5.22
N ASN A 194 34.92 8.67 4.93
CA ASN A 194 35.07 7.66 3.88
C ASN A 194 34.48 6.34 4.31
N LEU A 195 34.67 5.96 5.58
CA LEU A 195 33.95 4.81 6.09
C LEU A 195 32.45 4.98 5.92
N ALA A 196 31.94 6.19 6.16
CA ALA A 196 30.50 6.44 6.05
C ALA A 196 30.02 6.24 4.61
N LEU A 197 30.80 6.73 3.63
CA LEU A 197 30.45 6.53 2.24
C LEU A 197 30.38 5.04 1.90
N ALA A 198 31.36 4.26 2.39
CA ALA A 198 31.32 2.81 2.20
C ALA A 198 30.08 2.18 2.83
N MET A 199 29.60 2.74 3.95
CA MET A 199 28.40 2.17 4.56
C MET A 199 27.16 2.48 3.75
N VAL A 200 27.13 3.66 3.09
CA VAL A 200 25.99 4.02 2.26
C VAL A 200 25.94 3.11 1.03
N VAL A 201 26.95 3.25 0.16
CA VAL A 201 27.14 2.36 -0.98
C VAL A 201 27.02 0.90 -0.57
N GLY A 202 27.61 0.54 0.58
CA GLY A 202 27.62 -0.85 0.97
C GLY A 202 26.27 -1.38 1.39
N SER A 203 25.28 -0.52 1.61
CA SER A 203 23.96 -1.00 1.99
C SER A 203 23.25 -1.72 0.84
N PHE A 204 23.59 -1.43 -0.43
CA PHE A 204 22.90 -2.14 -1.50
C PHE A 204 23.74 -2.47 -2.71
N ILE A 205 25.06 -2.30 -2.67
CA ILE A 205 25.88 -2.64 -3.82
C ILE A 205 25.73 -4.12 -4.21
N SER A 206 25.42 -5.01 -3.26
CA SER A 206 25.28 -6.43 -3.60
C SER A 206 24.01 -6.67 -4.41
N ALA A 207 22.84 -6.36 -3.86
CA ALA A 207 21.62 -6.45 -4.64
C ALA A 207 21.67 -5.54 -5.87
N GLY A 208 22.26 -4.36 -5.71
CA GLY A 208 22.37 -3.44 -6.83
C GLY A 208 23.14 -3.97 -8.01
N THR A 209 24.05 -4.91 -7.77
CA THR A 209 24.80 -5.49 -8.87
C THR A 209 23.93 -6.44 -9.71
N LEU A 210 22.77 -6.83 -9.17
CA LEU A 210 21.79 -7.66 -9.87
C LEU A 210 20.64 -6.85 -10.44
N THR A 211 20.84 -5.54 -10.65
CA THR A 211 19.77 -4.68 -11.18
C THR A 211 19.22 -5.20 -12.50
N ALA A 212 20.09 -5.68 -13.39
CA ALA A 212 19.62 -6.17 -14.69
C ALA A 212 18.61 -7.30 -14.53
N ASP A 213 18.63 -8.02 -13.40
CA ASP A 213 17.69 -9.13 -13.26
C ASP A 213 16.25 -8.65 -13.22
N PHE A 214 16.03 -7.38 -12.86
CA PHE A 214 14.69 -6.81 -12.82
C PHE A 214 14.43 -5.87 -13.99
N VAL A 215 15.37 -4.98 -14.32
CA VAL A 215 15.08 -3.96 -15.31
C VAL A 215 15.37 -4.42 -16.74
N ARG A 216 15.89 -5.64 -16.93
CA ARG A 216 15.86 -6.28 -18.23
C ARG A 216 14.46 -6.32 -18.80
N PHE A 217 13.44 -6.08 -17.95
CA PHE A 217 12.07 -6.11 -18.42
C PHE A 217 11.64 -4.79 -19.04
N GLY A 218 12.45 -3.75 -18.92
CA GLY A 218 12.08 -2.44 -19.43
C GLY A 218 12.31 -2.35 -20.93
N ARG A 219 11.30 -1.88 -21.67
CA ARG A 219 11.44 -1.67 -23.11
C ARG A 219 12.51 -0.62 -23.40
N ASN A 220 12.45 0.52 -22.70
CA ASN A 220 13.28 1.67 -23.04
C ASN A 220 14.50 1.73 -22.12
N PRO A 221 15.70 1.54 -22.65
CA PRO A 221 16.92 1.68 -21.82
C PRO A 221 17.03 2.97 -21.02
N LYS A 222 16.64 4.11 -21.59
CA LYS A 222 16.73 5.37 -20.85
C LYS A 222 15.86 5.34 -19.60
N VAL A 223 14.72 4.64 -19.65
CA VAL A 223 13.85 4.54 -18.49
C VAL A 223 14.53 3.73 -17.38
N ALA A 224 15.35 2.75 -17.77
CA ALA A 224 16.07 1.95 -16.80
C ALA A 224 16.99 2.81 -15.94
N VAL A 225 17.61 3.82 -16.55
CA VAL A 225 18.42 4.78 -15.81
C VAL A 225 17.57 5.54 -14.79
N VAL A 226 16.36 5.95 -15.17
CA VAL A 226 15.46 6.65 -14.23
C VAL A 226 15.06 5.73 -13.08
N VAL A 227 14.77 4.47 -13.40
CA VAL A 227 14.40 3.52 -12.35
C VAL A 227 15.51 3.43 -11.30
N ALA A 228 16.73 3.21 -11.74
CA ALA A 228 17.83 3.02 -10.79
C ALA A 228 18.01 4.25 -9.91
N ILE A 229 17.98 5.43 -10.52
CA ILE A 229 18.16 6.66 -9.75
C ILE A 229 17.02 6.87 -8.76
N ILE A 230 15.77 6.75 -9.21
CA ILE A 230 14.64 6.86 -8.28
C ILE A 230 14.80 5.89 -7.10
N ALA A 231 15.20 4.63 -7.39
CA ALA A 231 15.22 3.61 -6.34
C ALA A 231 16.43 3.76 -5.43
N PHE A 232 17.59 4.03 -6.00
CA PHE A 232 18.82 3.96 -5.23
C PHE A 232 19.28 5.32 -4.76
N PHE A 233 19.07 6.36 -5.56
CA PHE A 233 19.32 7.70 -5.09
C PHE A 233 18.19 8.18 -4.18
N LEU A 234 16.95 8.20 -4.68
CA LEU A 234 15.88 8.71 -3.81
C LEU A 234 15.46 7.68 -2.77
N GLY A 235 15.19 6.45 -3.21
CA GLY A 235 14.62 5.46 -2.30
C GLY A 235 15.55 5.10 -1.15
N ASN A 236 16.80 4.81 -1.44
CA ASN A 236 17.71 4.41 -0.37
C ASN A 236 18.00 5.58 0.58
N THR A 237 18.03 6.80 0.04
CA THR A 237 18.13 7.98 0.89
C THR A 237 16.96 8.06 1.86
N LEU A 238 15.73 7.87 1.36
CA LEU A 238 14.59 7.95 2.27
C LEU A 238 14.75 6.98 3.41
N MET A 239 15.20 5.76 3.11
CA MET A 239 15.35 4.77 4.17
C MET A 239 16.42 5.21 5.17
N PHE A 240 17.46 5.85 4.67
CA PHE A 240 18.52 6.34 5.55
C PHE A 240 18.00 7.46 6.45
N VAL A 241 17.17 8.36 5.90
CA VAL A 241 16.57 9.42 6.70
C VAL A 241 15.64 8.84 7.77
N PHE A 242 14.83 7.84 7.42
CA PHE A 242 14.01 7.19 8.43
C PHE A 242 14.87 6.73 9.62
N GLY A 243 15.96 6.01 9.32
CA GLY A 243 16.78 5.45 10.39
C GLY A 243 17.44 6.50 11.25
N ALA A 244 18.00 7.54 10.62
CA ALA A 244 18.62 8.63 11.37
C ALA A 244 17.60 9.39 12.21
N ALA A 245 16.43 9.70 11.64
CA ALA A 245 15.40 10.37 12.43
C ALA A 245 15.04 9.54 13.64
N GLY A 246 14.85 8.23 13.46
CA GLY A 246 14.48 7.38 14.59
C GLY A 246 15.60 7.28 15.62
N ALA A 247 16.85 7.24 15.15
CA ALA A 247 17.97 7.24 16.07
C ALA A 247 18.01 8.53 16.89
N ALA A 248 17.77 9.67 16.25
CA ALA A 248 17.93 10.95 16.93
C ALA A 248 16.81 11.20 17.93
N SER A 249 15.56 10.93 17.55
CA SER A 249 14.43 11.22 18.42
C SER A 249 14.23 10.16 19.50
N LEU A 250 14.65 8.92 19.28
CA LEU A 250 14.29 7.84 20.19
C LEU A 250 15.37 6.78 20.40
N GLY A 251 16.54 6.91 19.79
CA GLY A 251 17.52 5.84 19.91
C GLY A 251 17.14 4.53 19.27
N MET A 252 16.17 4.54 18.34
CA MET A 252 15.76 3.34 17.62
C MET A 252 15.75 3.64 16.13
N ALA A 253 16.62 2.94 15.37
CA ALA A 253 16.85 3.25 13.96
C ALA A 253 15.88 2.57 13.01
N ASP A 254 15.09 1.60 13.46
CA ASP A 254 14.06 1.03 12.61
C ASP A 254 12.77 1.80 12.82
N ILE A 255 12.19 2.28 11.71
CA ILE A 255 10.98 3.10 11.83
C ILE A 255 9.85 2.32 12.47
N SER A 256 9.92 0.98 12.42
CA SER A 256 8.91 0.18 13.08
C SER A 256 9.08 0.17 14.61
N ASP A 257 10.29 0.45 15.10
CA ASP A 257 10.43 0.66 16.54
C ASP A 257 9.88 2.02 16.93
N VAL A 258 10.16 3.04 16.11
CA VAL A 258 9.55 4.36 16.31
C VAL A 258 8.03 4.28 16.39
N MET A 259 7.40 3.56 15.45
CA MET A 259 5.94 3.51 15.45
C MET A 259 5.39 2.82 16.70
N ILE A 260 6.09 1.78 17.16
CA ILE A 260 5.69 1.14 18.41
C ILE A 260 5.82 2.13 19.56
N ALA A 261 6.91 2.90 19.58
CA ALA A 261 7.07 3.93 20.60
C ALA A 261 5.94 4.94 20.55
N GLN A 262 5.36 5.17 19.37
CA GLN A 262 4.33 6.17 19.23
C GLN A 262 2.93 5.59 19.40
N GLY A 263 2.83 4.34 19.84
CA GLY A 263 1.55 3.66 19.88
C GLY A 263 0.95 3.28 18.53
N LEU A 264 1.72 3.34 17.44
CA LEU A 264 1.24 2.89 16.12
C LEU A 264 1.68 1.45 15.88
N LEU A 265 1.08 0.54 16.64
CA LEU A 265 1.57 -0.84 16.64
C LEU A 265 1.26 -1.54 15.32
N LEU A 266 0.03 -1.34 14.79
CA LEU A 266 -0.34 -1.98 13.53
C LEU A 266 0.43 -1.41 12.36
N PRO A 267 0.54 -0.09 12.18
CA PRO A 267 1.50 0.43 11.18
C PRO A 267 2.90 -0.16 11.34
N ALA A 268 3.38 -0.35 12.57
CA ALA A 268 4.75 -0.83 12.76
C ALA A 268 4.93 -2.23 12.19
N ILE A 269 4.04 -3.15 12.56
CA ILE A 269 4.16 -4.52 12.10
C ILE A 269 3.95 -4.62 10.59
N VAL A 270 2.96 -3.88 10.07
CA VAL A 270 2.71 -3.85 8.63
C VAL A 270 3.93 -3.34 7.87
N VAL A 271 4.54 -2.25 8.37
CA VAL A 271 5.68 -1.67 7.67
C VAL A 271 6.89 -2.61 7.73
N LEU A 272 7.09 -3.27 8.87
CA LEU A 272 8.14 -4.27 8.97
C LEU A 272 7.93 -5.37 7.95
N GLY A 273 6.73 -5.95 7.94
CA GLY A 273 6.46 -7.08 7.07
C GLY A 273 6.54 -6.72 5.60
N LEU A 274 6.01 -5.55 5.24
CA LEU A 274 6.05 -5.12 3.84
C LEU A 274 7.47 -4.82 3.37
N ASN A 275 8.31 -4.22 4.23
CA ASN A 275 9.63 -3.83 3.73
C ASN A 275 10.52 -5.06 3.56
N ILE A 276 10.32 -6.08 4.38
CA ILE A 276 11.15 -7.27 4.29
C ILE A 276 10.70 -8.15 3.13
N TRP A 277 9.39 -8.36 3.03
CA TRP A 277 8.78 -9.19 1.99
C TRP A 277 9.19 -8.76 0.60
N THR A 278 9.22 -7.44 0.35
CA THR A 278 9.63 -6.94 -0.96
C THR A 278 11.12 -7.15 -1.19
N THR A 279 11.94 -6.80 -0.20
CA THR A 279 13.38 -6.98 -0.39
C THR A 279 13.72 -8.46 -0.54
N ASN A 280 13.10 -9.32 0.28
CA ASN A 280 13.40 -10.75 0.26
C ASN A 280 12.90 -11.44 -1.00
N ASP A 281 11.78 -10.97 -1.55
CA ASP A 281 11.30 -11.57 -2.80
C ASP A 281 12.22 -11.24 -3.96
N ASN A 282 12.67 -9.99 -4.04
CA ASN A 282 13.70 -9.65 -5.01
C ASN A 282 14.90 -10.55 -4.86
N ALA A 283 15.38 -10.71 -3.61
CA ALA A 283 16.56 -11.54 -3.35
C ALA A 283 16.37 -12.95 -3.89
N LEU A 284 15.30 -13.62 -3.48
CA LEU A 284 15.00 -14.97 -3.96
C LEU A 284 14.86 -15.03 -5.49
N TYR A 285 14.20 -14.03 -6.07
CA TYR A 285 13.98 -14.03 -7.52
C TYR A 285 15.29 -14.03 -8.27
N ALA A 286 16.18 -13.09 -7.92
CA ALA A 286 17.48 -12.98 -8.58
C ALA A 286 18.31 -14.23 -8.34
N SER A 287 18.22 -14.81 -7.13
CA SER A 287 19.00 -16.01 -6.84
C SER A 287 18.55 -17.20 -7.69
N GLY A 288 17.25 -17.29 -7.98
CA GLY A 288 16.77 -18.32 -8.89
C GLY A 288 17.31 -18.14 -10.29
N LEU A 289 17.29 -16.90 -10.78
CA LEU A 289 17.90 -16.60 -12.08
C LEU A 289 19.37 -16.98 -12.09
N GLY A 290 20.07 -16.72 -10.98
CA GLY A 290 21.49 -17.01 -10.92
C GLY A 290 21.77 -18.50 -10.95
N PHE A 291 21.04 -19.27 -10.15
CA PHE A 291 21.27 -20.70 -10.12
C PHE A 291 20.77 -21.36 -11.39
N ALA A 292 19.84 -20.71 -12.11
CA ALA A 292 19.39 -21.26 -13.38
C ALA A 292 20.48 -21.15 -14.43
N ASN A 293 21.22 -20.04 -14.42
CA ASN A 293 22.38 -19.91 -15.30
C ASN A 293 23.38 -21.05 -15.09
N ILE A 294 23.52 -21.51 -13.84
CA ILE A 294 24.46 -22.59 -13.56
C ILE A 294 23.91 -23.95 -14.01
N THR A 295 22.67 -24.27 -13.61
CA THR A 295 22.12 -25.61 -13.76
C THR A 295 21.26 -25.78 -15.00
N GLY A 296 20.87 -24.70 -15.66
CA GLY A 296 19.89 -24.86 -16.71
C GLY A 296 18.52 -25.29 -16.24
N LEU A 297 18.28 -25.36 -14.93
CA LEU A 297 16.95 -25.70 -14.41
C LEU A 297 16.07 -24.45 -14.34
N SER A 298 14.75 -24.70 -14.17
CA SER A 298 13.76 -23.64 -13.99
C SER A 298 14.09 -22.71 -12.81
N SER A 299 14.23 -21.41 -13.09
CA SER A 299 14.48 -20.44 -12.02
C SER A 299 13.34 -20.39 -11.01
N LYS A 300 12.10 -20.58 -11.46
CA LYS A 300 10.97 -20.76 -10.55
C LYS A 300 11.25 -21.86 -9.54
N LYS A 301 11.52 -23.07 -10.03
CA LYS A 301 11.82 -24.17 -9.12
C LYS A 301 13.00 -23.85 -8.21
N LEU A 302 14.05 -23.22 -8.74
CA LEU A 302 15.22 -22.97 -7.90
C LEU A 302 14.92 -21.92 -6.86
N SER A 303 14.16 -20.88 -7.23
CA SER A 303 13.74 -19.88 -6.26
C SER A 303 13.00 -20.51 -5.10
N VAL A 304 12.09 -21.43 -5.39
CA VAL A 304 11.35 -22.09 -4.32
C VAL A 304 12.30 -22.91 -3.46
N ILE A 305 13.22 -23.64 -4.11
CA ILE A 305 14.23 -24.40 -3.36
C ILE A 305 15.06 -23.47 -2.49
N ASN A 306 15.47 -22.33 -3.06
CA ASN A 306 16.29 -21.39 -2.31
C ASN A 306 15.55 -20.88 -1.08
N GLY A 307 14.24 -20.68 -1.21
CA GLY A 307 13.45 -20.16 -0.10
C GLY A 307 13.27 -21.17 1.01
N ILE A 308 13.15 -22.46 0.67
CA ILE A 308 13.12 -23.53 1.68
C ILE A 308 14.40 -23.52 2.50
N VAL A 309 15.54 -23.59 1.80
CA VAL A 309 16.83 -23.61 2.47
C VAL A 309 17.02 -22.35 3.30
N GLY A 310 16.74 -21.19 2.71
CA GLY A 310 16.88 -19.94 3.45
C GLY A 310 15.99 -19.87 4.68
N THR A 311 14.78 -20.42 4.59
CA THR A 311 13.90 -20.39 5.75
C THR A 311 14.44 -21.30 6.85
N VAL A 312 14.69 -22.57 6.54
CA VAL A 312 15.17 -23.52 7.55
C VAL A 312 16.52 -23.14 8.11
N CYS A 313 17.25 -22.21 7.49
CA CYS A 313 18.54 -21.76 7.99
C CYS A 313 18.52 -20.30 8.41
N ALA A 314 17.33 -19.70 8.54
CA ALA A 314 17.23 -18.27 8.80
C ALA A 314 18.02 -17.84 10.05
N LEU A 315 17.73 -18.46 11.20
CA LEU A 315 18.36 -18.03 12.46
C LEU A 315 19.87 -18.19 12.41
N TRP A 316 20.32 -19.36 11.94
CA TRP A 316 21.75 -19.61 11.77
C TRP A 316 22.39 -18.53 10.90
N LEU A 317 21.70 -18.12 9.82
CA LEU A 317 22.24 -17.07 8.97
C LEU A 317 22.20 -15.71 9.67
N TYR A 318 21.11 -15.41 10.37
CA TYR A 318 21.02 -14.18 11.16
C TYR A 318 22.18 -14.06 12.14
N ASN A 319 22.48 -15.15 12.86
CA ASN A 319 23.55 -15.08 13.85
C ASN A 319 24.93 -15.10 13.20
N ASN A 320 25.47 -16.30 12.97
CA ASN A 320 26.88 -16.41 12.62
C ASN A 320 27.14 -15.91 11.20
N PHE A 321 26.35 -16.35 10.24
CA PHE A 321 26.72 -16.19 8.84
C PHE A 321 26.57 -14.76 8.31
N VAL A 322 26.43 -13.77 9.19
CA VAL A 322 26.33 -12.39 8.67
C VAL A 322 27.71 -11.82 8.38
N GLY A 323 28.67 -12.06 9.27
CA GLY A 323 30.06 -11.74 8.95
C GLY A 323 30.57 -12.49 7.74
N TRP A 324 30.14 -13.74 7.58
CA TRP A 324 30.45 -14.50 6.38
C TRP A 324 29.79 -13.91 5.15
N LEU A 325 28.49 -13.60 5.24
CA LEU A 325 27.80 -13.02 4.11
C LEU A 325 28.45 -11.70 3.69
N THR A 326 28.86 -10.88 4.66
CA THR A 326 29.54 -9.64 4.28
C THR A 326 30.91 -9.93 3.67
N PHE A 327 31.56 -11.03 4.05
CA PHE A 327 32.91 -11.29 3.55
C PHE A 327 32.89 -11.69 2.08
N LEU A 328 32.16 -12.76 1.75
CA LEU A 328 31.97 -13.17 0.36
C LEU A 328 31.56 -11.99 -0.52
N SER A 329 30.59 -11.22 -0.05
CA SER A 329 30.07 -10.11 -0.85
C SER A 329 31.15 -9.14 -1.31
N ALA A 330 32.35 -9.18 -0.74
CA ALA A 330 33.38 -8.24 -1.17
C ALA A 330 33.85 -8.50 -2.60
N ALA A 331 33.56 -9.68 -3.15
CA ALA A 331 33.86 -9.96 -4.55
C ALA A 331 32.77 -9.47 -5.51
N ILE A 332 31.65 -8.97 -5.00
CA ILE A 332 30.52 -8.58 -5.83
C ILE A 332 30.75 -7.24 -6.54
N PRO A 333 31.21 -6.18 -5.88
CA PRO A 333 31.47 -4.91 -6.60
C PRO A 333 32.40 -5.09 -7.80
N PRO A 334 33.54 -5.80 -7.69
CA PRO A 334 34.39 -5.94 -8.91
C PRO A 334 33.67 -6.62 -10.07
N VAL A 335 32.83 -7.63 -9.77
CA VAL A 335 32.03 -8.27 -10.80
C VAL A 335 31.17 -7.25 -11.54
N GLY A 336 30.68 -6.22 -10.84
CA GLY A 336 29.91 -5.20 -11.53
C GLY A 336 30.75 -4.37 -12.47
N GLY A 337 31.96 -4.00 -12.03
CA GLY A 337 32.83 -3.19 -12.87
C GLY A 337 33.29 -3.93 -14.11
N VAL A 338 33.49 -5.24 -14.01
CA VAL A 338 33.92 -6.00 -15.18
C VAL A 338 32.80 -6.02 -16.21
N ILE A 339 31.58 -6.36 -15.78
CA ILE A 339 30.43 -6.42 -16.68
C ILE A 339 30.24 -5.10 -17.41
N ILE A 340 30.15 -4.00 -16.66
CA ILE A 340 30.03 -2.69 -17.27
C ILE A 340 31.18 -2.45 -18.24
N ALA A 341 32.41 -2.66 -17.77
CA ALA A 341 33.57 -2.35 -18.60
C ALA A 341 33.56 -3.17 -19.87
N ASP A 342 33.13 -4.43 -19.78
CA ASP A 342 33.15 -5.24 -20.98
C ASP A 342 32.11 -4.75 -21.97
N TYR A 343 30.94 -4.33 -21.48
CA TYR A 343 29.96 -3.71 -22.35
C TYR A 343 30.50 -2.45 -23.00
N LEU A 344 31.06 -1.55 -22.18
CA LEU A 344 31.61 -0.32 -22.74
C LEU A 344 32.66 -0.61 -23.79
N MET A 345 33.52 -1.61 -23.54
CA MET A 345 34.58 -1.93 -24.49
C MET A 345 34.02 -2.58 -25.75
N ASN A 346 33.04 -3.47 -25.60
CA ASN A 346 32.62 -4.33 -26.70
C ASN A 346 31.11 -4.24 -26.91
N LYS A 347 30.56 -3.02 -27.00
CA LYS A 347 29.12 -2.85 -27.24
C LYS A 347 28.62 -3.76 -28.37
N ALA A 348 29.29 -3.70 -29.52
CA ALA A 348 28.80 -4.42 -30.70
C ALA A 348 28.57 -5.89 -30.39
N ARG A 349 29.42 -6.48 -29.54
CA ARG A 349 29.26 -7.88 -29.15
C ARG A 349 27.88 -8.16 -28.56
N TYR A 350 27.24 -7.16 -27.95
CA TYR A 350 25.99 -7.38 -27.24
C TYR A 350 24.77 -7.22 -28.12
N ASN A 351 24.97 -6.98 -29.41
CA ASN A 351 23.86 -6.77 -30.33
C ASN A 351 22.94 -7.99 -30.37
N THR A 352 23.52 -9.18 -30.33
CA THR A 352 22.76 -10.42 -30.27
C THR A 352 23.20 -11.24 -29.06
N PHE A 353 22.29 -12.07 -28.56
CA PHE A 353 22.67 -13.10 -27.59
C PHE A 353 23.12 -14.31 -28.41
N ASN A 354 24.42 -14.39 -28.67
CA ASN A 354 24.99 -15.44 -29.52
C ASN A 354 25.98 -16.25 -28.69
N ILE A 355 25.49 -17.36 -28.12
CA ILE A 355 26.33 -18.30 -27.39
C ILE A 355 27.60 -18.61 -28.18
N ALA A 356 27.44 -18.77 -29.50
CA ALA A 356 28.45 -19.38 -30.33
C ALA A 356 29.74 -18.58 -30.39
N THR A 357 29.66 -17.25 -30.32
CA THR A 357 30.86 -16.42 -30.28
C THR A 357 31.38 -16.19 -28.87
N MET A 358 30.97 -16.98 -27.89
CA MET A 358 31.34 -16.62 -26.53
C MET A 358 32.43 -17.57 -26.06
N GLN A 359 33.18 -17.15 -25.04
CA GLN A 359 34.19 -18.02 -24.48
C GLN A 359 33.56 -18.99 -23.48
N SER A 360 34.25 -20.10 -23.24
CA SER A 360 33.87 -20.94 -22.11
C SER A 360 34.20 -20.26 -20.78
N VAL A 361 35.40 -19.67 -20.69
CA VAL A 361 35.92 -19.00 -19.49
C VAL A 361 36.91 -17.94 -19.93
N ASN A 362 36.77 -16.74 -19.40
CA ASN A 362 37.74 -15.68 -19.60
C ASN A 362 38.46 -15.53 -18.27
N TRP A 363 39.67 -16.10 -18.17
CA TRP A 363 40.47 -15.97 -16.96
C TRP A 363 40.79 -14.52 -16.64
N VAL A 364 40.78 -13.62 -17.64
CA VAL A 364 41.07 -12.23 -17.33
C VAL A 364 39.96 -11.63 -16.49
N ALA A 365 38.70 -12.06 -16.71
CA ALA A 365 37.60 -11.62 -15.86
C ALA A 365 37.84 -11.99 -14.39
N LEU A 366 38.13 -13.28 -14.14
CA LEU A 366 38.44 -13.71 -12.77
C LEU A 366 39.64 -12.96 -12.21
N LEU A 367 40.69 -12.76 -13.03
CA LEU A 367 41.85 -11.99 -12.59
C LEU A 367 41.45 -10.57 -12.21
N ALA A 368 40.57 -9.95 -12.99
CA ALA A 368 40.13 -8.59 -12.70
C ALA A 368 39.37 -8.51 -11.39
N VAL A 369 38.55 -9.50 -11.07
CA VAL A 369 37.79 -9.47 -9.83
C VAL A 369 38.72 -9.51 -8.63
N ALA A 370 39.69 -10.43 -8.64
CA ALA A 370 40.71 -10.49 -7.60
C ALA A 370 41.40 -9.14 -7.42
N ILE A 371 41.82 -8.53 -8.53
CA ILE A 371 42.51 -7.24 -8.46
C ILE A 371 41.62 -6.20 -7.81
N GLY A 372 40.35 -6.13 -8.24
CA GLY A 372 39.43 -5.19 -7.61
C GLY A 372 39.28 -5.42 -6.12
N ILE A 373 39.26 -6.69 -5.69
CA ILE A 373 39.18 -6.98 -4.27
C ILE A 373 40.41 -6.38 -3.56
N VAL A 374 41.59 -6.58 -4.14
CA VAL A 374 42.81 -6.02 -3.59
C VAL A 374 42.74 -4.50 -3.58
N ALA A 375 42.23 -3.91 -4.65
CA ALA A 375 42.08 -2.46 -4.70
C ALA A 375 41.17 -1.96 -3.59
N GLY A 376 40.11 -2.71 -3.29
CA GLY A 376 39.25 -2.33 -2.19
C GLY A 376 39.94 -2.45 -0.85
N HIS A 377 40.72 -3.51 -0.66
CA HIS A 377 41.35 -3.76 0.63
C HIS A 377 42.54 -2.84 0.91
N TRP A 378 43.17 -2.28 -0.12
CA TRP A 378 44.38 -1.49 0.07
C TRP A 378 44.21 -0.02 -0.25
N LEU A 379 43.73 0.31 -1.44
CA LEU A 379 43.67 1.70 -1.87
C LEU A 379 42.88 2.55 -0.87
N PRO A 380 43.27 3.80 -0.66
CA PRO A 380 42.47 4.68 0.21
C PRO A 380 41.32 5.31 -0.56
N GLY A 381 40.34 5.77 0.21
CA GLY A 381 39.14 6.35 -0.37
C GLY A 381 37.89 5.61 0.03
N ILE A 382 37.00 5.36 -0.93
CA ILE A 382 35.76 4.64 -0.68
C ILE A 382 35.96 3.20 -1.15
N VAL A 383 35.95 2.26 -0.21
CA VAL A 383 36.25 0.86 -0.49
C VAL A 383 35.43 0.35 -1.68
N PRO A 384 34.09 0.40 -1.65
CA PRO A 384 33.33 -0.15 -2.81
C PRO A 384 33.65 0.51 -4.13
N VAL A 385 33.80 1.85 -4.14
CA VAL A 385 34.14 2.52 -5.39
C VAL A 385 35.51 2.06 -5.88
N ASN A 386 36.48 1.96 -4.97
CA ASN A 386 37.79 1.45 -5.37
C ASN A 386 37.69 0.03 -5.90
N ALA A 387 36.81 -0.78 -5.29
CA ALA A 387 36.69 -2.18 -5.66
C ALA A 387 36.00 -2.33 -7.01
N VAL A 388 34.99 -1.49 -7.27
CA VAL A 388 34.35 -1.45 -8.59
C VAL A 388 35.35 -1.00 -9.64
N LEU A 389 36.06 0.10 -9.38
CA LEU A 389 36.98 0.64 -10.38
C LEU A 389 38.21 -0.24 -10.53
N GLY A 390 38.59 -0.97 -9.48
CA GLY A 390 39.68 -1.92 -9.61
C GLY A 390 39.40 -2.99 -10.65
N GLY A 391 38.24 -3.65 -10.54
CA GLY A 391 37.88 -4.65 -11.51
C GLY A 391 37.71 -4.07 -12.92
N ALA A 392 37.05 -2.91 -13.03
CA ALA A 392 36.71 -2.38 -14.34
C ALA A 392 37.95 -1.85 -15.06
N ILE A 393 38.82 -1.15 -14.34
CA ILE A 393 39.99 -0.58 -14.99
C ILE A 393 40.98 -1.69 -15.36
N SER A 394 41.23 -2.61 -14.43
CA SER A 394 42.21 -3.65 -14.75
C SER A 394 41.69 -4.58 -15.84
N TYR A 395 40.39 -4.84 -15.88
CA TYR A 395 39.82 -5.59 -17.00
C TYR A 395 40.02 -4.84 -18.31
N ALA A 396 39.72 -3.54 -18.32
CA ALA A 396 39.90 -2.73 -19.53
C ALA A 396 41.35 -2.72 -19.99
N VAL A 397 42.29 -2.88 -19.08
CA VAL A 397 43.69 -2.91 -19.50
C VAL A 397 44.11 -4.30 -19.95
N LEU A 398 43.82 -5.31 -19.15
CA LEU A 398 44.41 -6.63 -19.37
C LEU A 398 43.61 -7.49 -20.33
N ASN A 399 42.30 -7.26 -20.47
CA ASN A 399 41.54 -8.08 -21.40
C ASN A 399 42.01 -7.94 -22.84
N PRO A 400 42.21 -6.73 -23.39
CA PRO A 400 42.74 -6.67 -24.77
C PRO A 400 44.12 -7.30 -24.90
N ILE A 401 44.89 -7.37 -23.81
CA ILE A 401 46.26 -7.86 -23.87
C ILE A 401 46.33 -9.37 -23.66
N LEU A 402 45.80 -9.85 -22.53
CA LEU A 402 45.96 -11.25 -22.17
C LEU A 402 44.87 -12.15 -22.72
N ASN A 403 43.69 -11.61 -23.03
CA ASN A 403 42.68 -12.47 -23.65
C ASN A 403 43.03 -12.68 -25.12
N ARG A 404 42.92 -11.64 -25.94
CA ARG A 404 43.48 -11.69 -27.29
C ARG A 404 44.54 -10.60 -27.48
N ASP B 4 -18.39 -9.87 23.64
CA ASP B 4 -18.09 -9.45 22.26
C ASP B 4 -16.86 -8.54 22.18
N ASN B 5 -15.89 -8.92 21.34
CA ASN B 5 -14.68 -8.13 21.16
C ASN B 5 -14.92 -6.82 20.41
N ASN B 6 -16.00 -6.72 19.65
CA ASN B 6 -16.30 -5.46 18.96
C ASN B 6 -17.08 -4.50 19.83
N TYR B 7 -17.33 -4.84 21.09
CA TYR B 7 -18.03 -3.97 22.04
C TYR B 7 -19.38 -3.54 21.50
N SER B 8 -20.15 -4.53 21.03
CA SER B 8 -21.37 -4.25 20.31
C SER B 8 -22.55 -3.93 21.21
N GLN B 9 -22.50 -4.29 22.51
CA GLN B 9 -23.64 -4.09 23.39
C GLN B 9 -23.40 -3.01 24.44
N GLY B 10 -22.39 -2.17 24.26
CA GLY B 10 -22.16 -1.06 25.15
C GLY B 10 -20.96 -0.23 24.74
N PRO B 11 -20.59 0.73 25.58
CA PRO B 11 -19.61 1.73 25.15
C PRO B 11 -18.21 1.16 25.11
N VAL B 12 -17.44 1.66 24.16
CA VAL B 12 -16.05 1.22 23.99
C VAL B 12 -15.25 1.74 25.18
N PRO B 13 -14.59 0.85 25.92
CA PRO B 13 -13.80 1.30 27.07
C PRO B 13 -12.64 2.19 26.63
N ILE B 14 -12.34 3.15 27.52
CA ILE B 14 -11.22 4.08 27.32
C ILE B 14 -9.94 3.35 26.94
N SER B 15 -9.74 2.12 27.44
CA SER B 15 -8.50 1.41 27.21
C SER B 15 -8.47 0.73 25.85
N ALA B 16 -9.54 0.82 25.07
CA ALA B 16 -9.62 0.15 23.78
C ALA B 16 -9.69 1.13 22.63
N ARG B 17 -9.44 2.40 22.90
CA ARG B 17 -9.49 3.41 21.87
C ARG B 17 -8.22 3.41 21.03
N LYS B 18 -8.37 3.83 19.78
CA LYS B 18 -7.29 3.89 18.83
C LYS B 18 -6.98 5.35 18.50
N GLY B 19 -5.82 5.58 17.93
CA GLY B 19 -5.44 6.92 17.57
C GLY B 19 -6.10 7.41 16.28
N GLY B 20 -5.90 8.69 16.02
CA GLY B 20 -6.48 9.31 14.84
C GLY B 20 -5.97 8.73 13.52
N LEU B 21 -4.72 8.26 13.48
CA LEU B 21 -4.17 7.74 12.24
C LEU B 21 -4.93 6.49 11.81
N ALA B 22 -5.10 5.54 12.73
CA ALA B 22 -5.80 4.31 12.40
C ALA B 22 -7.22 4.61 11.89
N LEU B 23 -7.93 5.50 12.56
CA LEU B 23 -9.30 5.78 12.16
C LEU B 23 -9.37 6.59 10.87
N THR B 24 -8.41 7.48 10.65
CA THR B 24 -8.40 8.21 9.39
C THR B 24 -8.24 7.25 8.23
N PHE B 25 -7.36 6.27 8.38
CA PHE B 25 -7.15 5.28 7.33
C PHE B 25 -8.38 4.40 7.17
N VAL B 26 -8.96 3.95 8.28
CA VAL B 26 -10.13 3.09 8.22
C VAL B 26 -11.26 3.78 7.46
N MET B 27 -11.43 5.08 7.67
CA MET B 27 -12.50 5.75 6.98
C MET B 27 -12.09 6.20 5.58
N LEU B 28 -10.80 6.46 5.35
CA LEU B 28 -10.34 6.57 3.97
C LEU B 28 -10.53 5.24 3.22
N GLY B 29 -10.35 4.12 3.91
CA GLY B 29 -10.66 2.85 3.29
C GLY B 29 -12.11 2.75 2.87
N LEU B 30 -12.99 3.45 3.56
CA LEU B 30 -14.40 3.37 3.20
C LEU B 30 -14.69 4.13 1.92
N THR B 31 -14.20 5.36 1.83
CA THR B 31 -14.54 6.21 0.69
C THR B 31 -13.70 5.92 -0.55
N PHE B 32 -12.56 5.25 -0.40
CA PHE B 32 -11.79 4.83 -1.56
C PHE B 32 -12.48 3.63 -2.21
N PHE B 33 -13.41 3.90 -3.12
CA PHE B 33 -14.36 2.90 -3.58
C PHE B 33 -14.73 3.18 -5.02
N SER B 34 -14.93 2.11 -5.81
CA SER B 34 -15.18 2.23 -7.24
C SER B 34 -16.45 3.00 -7.55
N ALA B 35 -17.53 2.75 -6.80
CA ALA B 35 -18.79 3.45 -7.09
C ALA B 35 -18.62 4.96 -7.05
N SER B 36 -17.83 5.47 -6.09
CA SER B 36 -17.56 6.91 -6.09
C SER B 36 -16.78 7.33 -7.32
N MET B 37 -15.91 6.46 -7.82
CA MET B 37 -15.28 6.76 -9.10
C MET B 37 -16.32 6.83 -10.22
N TRP B 38 -17.30 5.92 -10.21
CA TRP B 38 -18.29 5.90 -11.30
C TRP B 38 -19.14 7.17 -11.27
N THR B 39 -19.65 7.52 -10.07
CA THR B 39 -20.40 8.76 -9.92
C THR B 39 -19.57 9.96 -10.36
N GLY B 40 -18.29 9.97 -9.99
CA GLY B 40 -17.42 11.02 -10.49
C GLY B 40 -17.33 11.06 -12.00
N GLY B 41 -17.32 9.88 -12.64
CA GLY B 41 -17.32 9.87 -14.10
C GLY B 41 -18.62 10.44 -14.67
N ALA B 42 -19.75 10.07 -14.07
CA ALA B 42 -21.03 10.67 -14.44
C ALA B 42 -20.99 12.18 -14.27
N LEU B 43 -20.52 12.67 -13.12
CA LEU B 43 -20.46 14.11 -12.89
C LEU B 43 -19.60 14.80 -13.94
N GLY B 44 -18.41 14.24 -14.20
CA GLY B 44 -17.54 14.86 -15.18
C GLY B 44 -18.08 14.76 -16.60
N THR B 45 -18.69 13.62 -16.93
CA THR B 45 -19.39 13.50 -18.19
C THR B 45 -20.43 14.61 -18.36
N GLY B 46 -21.05 15.03 -17.26
CA GLY B 46 -22.21 15.90 -17.32
C GLY B 46 -22.03 17.34 -16.87
N LEU B 47 -20.83 17.68 -16.39
CA LEU B 47 -20.55 19.03 -15.89
C LEU B 47 -19.26 19.55 -16.49
N SER B 48 -19.16 20.87 -16.56
CA SER B 48 -17.90 21.52 -16.89
C SER B 48 -16.94 21.48 -15.69
N PHE B 49 -15.69 21.88 -15.95
CA PHE B 49 -14.64 21.77 -14.94
C PHE B 49 -15.00 22.53 -13.66
N ASN B 50 -15.34 23.81 -13.81
CA ASN B 50 -15.71 24.64 -12.66
C ASN B 50 -16.95 24.12 -11.96
N ASP B 51 -17.96 23.70 -12.72
CA ASP B 51 -19.13 23.07 -12.12
C ASP B 51 -18.73 21.79 -11.40
N PHE B 52 -17.85 20.99 -12.01
CA PHE B 52 -17.50 19.68 -11.44
C PHE B 52 -16.89 19.85 -10.06
N PHE B 53 -15.93 20.74 -9.92
CA PHE B 53 -15.32 20.88 -8.62
C PHE B 53 -16.26 21.56 -7.64
N LEU B 54 -17.07 22.52 -8.10
CA LEU B 54 -18.05 23.11 -7.21
C LEU B 54 -19.03 22.06 -6.69
N ALA B 55 -19.54 21.21 -7.58
CA ALA B 55 -20.46 20.18 -7.16
C ALA B 55 -19.82 19.24 -6.15
N VAL B 56 -18.61 18.76 -6.46
CA VAL B 56 -17.96 17.76 -5.62
C VAL B 56 -17.56 18.34 -4.28
N LEU B 57 -16.95 19.52 -4.29
CA LEU B 57 -16.52 20.15 -3.05
C LEU B 57 -17.69 20.44 -2.13
N ILE B 58 -18.79 20.98 -2.66
CA ILE B 58 -19.95 21.26 -1.82
C ILE B 58 -20.54 19.97 -1.28
N GLY B 59 -20.83 19.02 -2.17
CA GLY B 59 -21.47 17.79 -1.73
C GLY B 59 -20.64 17.01 -0.72
N ASN B 60 -19.32 16.98 -0.92
CA ASN B 60 -18.52 16.27 0.06
C ASN B 60 -18.32 17.09 1.33
N LEU B 61 -18.40 18.42 1.24
CA LEU B 61 -18.39 19.21 2.47
C LEU B 61 -19.65 18.94 3.29
N LEU B 62 -20.80 18.77 2.64
CA LEU B 62 -22.01 18.40 3.35
C LEU B 62 -21.87 17.02 3.97
N LEU B 63 -21.32 16.06 3.21
CA LEU B 63 -21.07 14.75 3.79
C LEU B 63 -20.12 14.86 4.97
N GLY B 64 -19.10 15.72 4.85
CA GLY B 64 -18.14 15.89 5.93
C GLY B 64 -18.77 16.44 7.19
N ILE B 65 -19.56 17.51 7.06
CA ILE B 65 -20.26 18.06 8.22
C ILE B 65 -21.15 17.00 8.83
N TYR B 66 -21.93 16.30 7.99
CA TYR B 66 -22.86 15.30 8.47
C TYR B 66 -22.17 14.20 9.26
N THR B 67 -21.14 13.57 8.67
CA THR B 67 -20.47 12.48 9.36
C THR B 67 -19.61 13.00 10.51
N ALA B 68 -19.15 14.25 10.44
CA ALA B 68 -18.45 14.83 11.58
C ALA B 68 -19.35 14.89 12.81
N PHE B 69 -20.62 15.25 12.63
CA PHE B 69 -21.57 15.17 13.72
C PHE B 69 -21.65 13.76 14.30
N LEU B 70 -22.02 12.78 13.46
CA LEU B 70 -22.18 11.43 13.99
C LEU B 70 -20.86 10.84 14.45
N GLY B 71 -19.75 11.24 13.83
CA GLY B 71 -18.45 10.81 14.32
C GLY B 71 -18.15 11.36 15.70
N PHE B 72 -18.39 12.66 15.88
CA PHE B 72 -18.19 13.27 17.19
C PHE B 72 -19.01 12.56 18.26
N ILE B 73 -20.30 12.38 18.02
CA ILE B 73 -21.17 11.75 19.02
C ILE B 73 -20.69 10.34 19.32
N GLY B 74 -20.36 9.57 18.28
CA GLY B 74 -19.85 8.22 18.52
C GLY B 74 -18.60 8.20 19.38
N SER B 75 -17.66 9.08 19.07
CA SER B 75 -16.41 9.09 19.82
C SER B 75 -16.65 9.56 21.26
N LYS B 76 -17.47 10.59 21.43
CA LYS B 76 -17.75 11.12 22.77
C LYS B 76 -18.38 10.06 23.67
N THR B 77 -19.32 9.28 23.14
CA THR B 77 -20.03 8.26 23.91
C THR B 77 -19.42 6.88 23.76
N GLY B 78 -18.50 6.68 22.80
CA GLY B 78 -18.03 5.34 22.47
C GLY B 78 -19.10 4.35 22.08
N LEU B 79 -20.23 4.81 21.53
CA LEU B 79 -21.32 3.91 21.18
C LEU B 79 -21.48 3.75 19.66
N THR B 80 -21.79 2.54 19.23
CA THR B 80 -22.18 2.35 17.83
C THR B 80 -23.42 3.18 17.49
N THR B 81 -23.58 3.46 16.19
CA THR B 81 -24.81 4.03 15.65
C THR B 81 -26.05 3.35 16.22
N HIS B 82 -25.98 2.01 16.35
CA HIS B 82 -27.16 1.23 16.72
C HIS B 82 -27.47 1.38 18.21
N LEU B 83 -26.45 1.39 19.07
CA LEU B 83 -26.69 1.73 20.47
C LEU B 83 -27.14 3.17 20.61
N LEU B 84 -26.53 4.09 19.87
CA LEU B 84 -27.00 5.47 19.91
C LEU B 84 -28.47 5.58 19.52
N ALA B 85 -28.94 4.72 18.61
CA ALA B 85 -30.33 4.76 18.17
C ALA B 85 -31.29 4.43 19.30
N ARG B 86 -30.80 3.76 20.35
CA ARG B 86 -31.67 3.45 21.47
C ARG B 86 -32.14 4.71 22.21
N TYR B 87 -31.34 5.78 22.19
CA TYR B 87 -31.74 6.99 22.91
C TYR B 87 -32.90 7.71 22.22
N SER B 88 -32.98 7.62 20.91
CA SER B 88 -33.98 8.34 20.12
C SER B 88 -35.08 7.46 19.59
N PHE B 89 -34.75 6.26 19.13
CA PHE B 89 -35.74 5.32 18.64
C PHE B 89 -36.20 4.35 19.72
N GLY B 90 -35.51 4.29 20.85
CA GLY B 90 -35.84 3.33 21.87
C GLY B 90 -35.20 1.99 21.62
N ILE B 91 -35.26 1.14 22.64
CA ILE B 91 -34.53 -0.12 22.59
C ILE B 91 -35.06 -0.99 21.48
N LYS B 92 -36.37 -1.26 21.49
CA LYS B 92 -36.99 -2.05 20.44
C LYS B 92 -37.07 -1.26 19.14
N GLY B 93 -37.35 0.04 19.22
CA GLY B 93 -37.49 0.84 18.01
C GLY B 93 -36.19 0.96 17.24
N SER B 94 -35.06 0.86 17.92
CA SER B 94 -33.78 0.94 17.25
C SER B 94 -33.56 -0.23 16.30
N TRP B 95 -34.28 -1.34 16.52
CA TRP B 95 -34.24 -2.45 15.57
C TRP B 95 -34.55 -1.99 14.16
N LEU B 96 -35.42 -0.99 14.02
CA LEU B 96 -35.75 -0.49 12.69
C LEU B 96 -34.55 0.14 11.99
N PRO B 97 -33.88 1.17 12.54
CA PRO B 97 -32.70 1.69 11.83
C PRO B 97 -31.56 0.69 11.77
N SER B 98 -31.45 -0.18 12.76
CA SER B 98 -30.42 -1.22 12.71
C SER B 98 -30.64 -2.15 11.53
N PHE B 99 -31.89 -2.57 11.30
CA PHE B 99 -32.17 -3.50 10.20
C PHE B 99 -31.99 -2.82 8.85
N LEU B 100 -32.58 -1.63 8.68
CA LEU B 100 -32.38 -0.86 7.46
C LEU B 100 -30.88 -0.66 7.17
N LEU B 101 -30.13 -0.16 8.15
CA LEU B 101 -28.72 0.17 7.92
C LEU B 101 -27.87 -1.07 7.82
N GLY B 102 -28.07 -2.03 8.72
CA GLY B 102 -27.35 -3.28 8.58
C GLY B 102 -27.74 -4.05 7.34
N GLY B 103 -28.96 -3.82 6.85
CA GLY B 103 -29.50 -4.55 5.72
C GLY B 103 -28.96 -4.05 4.40
N THR B 104 -28.99 -2.73 4.19
CA THR B 104 -28.39 -2.22 2.97
C THR B 104 -26.89 -2.45 2.94
N GLN B 105 -26.23 -2.59 4.09
CA GLN B 105 -24.80 -2.85 4.04
C GLN B 105 -24.50 -4.27 3.60
N VAL B 106 -25.30 -5.24 4.03
CA VAL B 106 -25.12 -6.59 3.51
C VAL B 106 -25.33 -6.60 2.00
N GLY B 107 -26.28 -5.80 1.51
CA GLY B 107 -26.54 -5.75 0.09
C GLY B 107 -25.46 -5.02 -0.68
N TRP B 108 -24.94 -3.91 -0.12
CA TRP B 108 -23.78 -3.26 -0.72
C TRP B 108 -22.58 -4.20 -0.72
N PHE B 109 -22.49 -5.09 0.27
CA PHE B 109 -21.33 -5.98 0.35
C PHE B 109 -21.32 -6.95 -0.84
N GLY B 110 -22.42 -7.68 -1.02
CA GLY B 110 -22.52 -8.57 -2.17
C GLY B 110 -22.27 -7.84 -3.47
N VAL B 111 -22.89 -6.67 -3.63
CA VAL B 111 -22.64 -5.86 -4.81
C VAL B 111 -21.14 -5.58 -4.94
N GLY B 112 -20.47 -5.31 -3.81
CA GLY B 112 -19.03 -5.09 -3.83
C GLY B 112 -18.25 -6.30 -4.31
N VAL B 113 -18.62 -7.50 -3.83
CA VAL B 113 -17.95 -8.73 -4.25
C VAL B 113 -18.03 -8.90 -5.77
N ALA B 114 -19.23 -8.73 -6.33
CA ALA B 114 -19.38 -8.85 -7.79
C ALA B 114 -18.68 -7.72 -8.52
N MET B 115 -18.59 -6.53 -7.91
CA MET B 115 -17.87 -5.47 -8.59
C MET B 115 -16.40 -5.83 -8.76
N PHE B 116 -15.88 -6.76 -7.96
CA PHE B 116 -14.52 -7.20 -8.16
C PHE B 116 -14.46 -8.39 -9.13
N ALA B 117 -15.32 -9.38 -8.92
CA ALA B 117 -15.21 -10.62 -9.66
C ALA B 117 -15.63 -10.45 -11.11
N ILE B 118 -16.70 -9.71 -11.37
CA ILE B 118 -17.24 -9.58 -12.72
C ILE B 118 -16.17 -9.00 -13.64
N PRO B 119 -15.56 -7.85 -13.35
CA PRO B 119 -14.51 -7.35 -14.25
C PRO B 119 -13.31 -8.28 -14.34
N VAL B 120 -12.87 -8.86 -13.22
CA VAL B 120 -11.67 -9.69 -13.25
C VAL B 120 -11.92 -10.94 -14.10
N GLY B 121 -13.08 -11.57 -13.93
CA GLY B 121 -13.44 -12.69 -14.79
C GLY B 121 -13.48 -12.29 -16.25
N LYS B 122 -14.17 -11.19 -16.54
CA LYS B 122 -14.26 -10.66 -17.89
C LYS B 122 -12.88 -10.50 -18.52
N ALA B 123 -11.91 -10.01 -17.75
CA ALA B 123 -10.58 -9.71 -18.29
C ALA B 123 -9.66 -10.91 -18.34
N THR B 124 -9.87 -11.89 -17.45
CA THR B 124 -8.97 -13.03 -17.36
C THR B 124 -9.59 -14.33 -17.84
N GLY B 125 -10.91 -14.37 -18.00
CA GLY B 125 -11.59 -15.61 -18.30
C GLY B 125 -11.66 -16.59 -17.15
N ILE B 126 -11.08 -16.25 -15.99
CA ILE B 126 -11.19 -17.10 -14.83
C ILE B 126 -12.66 -17.27 -14.44
N ASP B 127 -12.99 -18.45 -13.94
CA ASP B 127 -14.34 -18.77 -13.50
C ASP B 127 -14.89 -17.74 -12.52
N ILE B 128 -16.05 -17.19 -12.87
CA ILE B 128 -16.63 -16.09 -12.11
C ILE B 128 -16.93 -16.53 -10.68
N ASN B 129 -17.44 -17.75 -10.51
CA ASN B 129 -17.83 -18.20 -9.16
C ASN B 129 -16.62 -18.47 -8.29
N LEU B 130 -15.52 -18.92 -8.88
CA LEU B 130 -14.27 -19.02 -8.12
C LEU B 130 -13.85 -17.65 -7.59
N LEU B 131 -13.83 -16.64 -8.47
CA LEU B 131 -13.49 -15.29 -8.06
C LEU B 131 -14.44 -14.77 -6.98
N ILE B 132 -15.73 -15.08 -7.09
CA ILE B 132 -16.70 -14.65 -6.09
C ILE B 132 -16.40 -15.31 -4.75
N ALA B 133 -16.17 -16.62 -4.78
CA ALA B 133 -15.98 -17.36 -3.54
C ALA B 133 -14.71 -16.92 -2.82
N VAL B 134 -13.59 -16.86 -3.55
CA VAL B 134 -12.32 -16.50 -2.93
C VAL B 134 -12.39 -15.07 -2.39
N SER B 135 -13.00 -14.17 -3.16
CA SER B 135 -13.18 -12.79 -2.71
C SER B 135 -13.98 -12.73 -1.42
N GLY B 136 -15.18 -13.31 -1.44
CA GLY B 136 -16.03 -13.24 -0.27
C GLY B 136 -15.36 -13.79 0.98
N ILE B 137 -14.71 -14.94 0.87
CA ILE B 137 -14.18 -15.59 2.05
C ILE B 137 -13.09 -14.74 2.69
N LEU B 138 -12.13 -14.29 1.89
CA LEU B 138 -11.04 -13.47 2.40
C LEU B 138 -11.56 -12.23 3.12
N MET B 139 -12.59 -11.59 2.55
CA MET B 139 -13.17 -10.40 3.14
C MET B 139 -13.90 -10.72 4.44
N THR B 140 -14.54 -11.89 4.49
CA THR B 140 -15.27 -12.30 5.69
C THR B 140 -14.31 -12.68 6.81
N ILE B 141 -13.23 -13.40 6.48
CA ILE B 141 -12.17 -13.65 7.44
C ILE B 141 -11.64 -12.32 7.98
N THR B 142 -11.49 -11.35 7.10
CA THR B 142 -10.99 -10.05 7.54
C THR B 142 -11.88 -9.46 8.62
N VAL B 143 -13.17 -9.28 8.32
CA VAL B 143 -14.08 -8.60 9.23
C VAL B 143 -14.16 -9.34 10.56
N PHE B 144 -13.92 -10.65 10.55
CA PHE B 144 -13.97 -11.43 11.77
C PHE B 144 -13.01 -10.91 12.83
N PHE B 145 -11.88 -10.34 12.42
CA PHE B 145 -10.89 -9.82 13.36
C PHE B 145 -11.11 -8.35 13.68
N GLY B 146 -12.29 -7.81 13.40
CA GLY B 146 -12.72 -6.51 13.86
C GLY B 146 -11.84 -5.35 13.45
N ILE B 147 -11.91 -4.29 14.27
CA ILE B 147 -11.40 -2.98 13.89
C ILE B 147 -9.92 -3.02 13.56
N SER B 148 -9.17 -3.90 14.23
CA SER B 148 -7.75 -4.03 13.92
C SER B 148 -7.53 -4.58 12.51
N ALA B 149 -8.34 -5.57 12.10
CA ALA B 149 -8.23 -6.05 10.71
C ALA B 149 -8.59 -4.96 9.71
N LEU B 150 -9.63 -4.16 9.99
CA LEU B 150 -9.95 -3.04 9.12
C LEU B 150 -8.78 -2.07 9.03
N THR B 151 -8.10 -1.83 10.16
CA THR B 151 -7.00 -0.88 10.18
C THR B 151 -5.83 -1.39 9.37
N VAL B 152 -5.55 -2.68 9.48
CA VAL B 152 -4.45 -3.27 8.71
C VAL B 152 -4.75 -3.18 7.22
N LEU B 153 -5.96 -3.56 6.81
CA LEU B 153 -6.26 -3.53 5.39
C LEU B 153 -6.27 -2.12 4.83
N SER B 154 -6.73 -1.15 5.62
CA SER B 154 -6.81 0.20 5.06
C SER B 154 -5.46 0.88 5.05
N ILE B 155 -4.60 0.63 6.04
CA ILE B 155 -3.27 1.25 5.98
C ILE B 155 -2.50 0.69 4.79
N ILE B 156 -2.78 -0.56 4.42
CA ILE B 156 -2.16 -1.16 3.26
C ILE B 156 -2.76 -0.59 1.97
N ALA B 157 -4.08 -0.51 1.90
CA ALA B 157 -4.78 -0.24 0.64
C ALA B 157 -4.77 1.24 0.26
N VAL B 158 -4.96 2.11 1.25
CA VAL B 158 -5.21 3.53 0.94
C VAL B 158 -4.02 4.20 0.27
N PRO B 159 -2.77 4.06 0.73
CA PRO B 159 -1.66 4.72 0.03
C PRO B 159 -1.49 4.25 -1.40
N ALA B 160 -1.59 2.93 -1.65
CA ALA B 160 -1.44 2.40 -3.00
C ALA B 160 -2.51 2.97 -3.93
N ILE B 161 -3.76 3.03 -3.45
CA ILE B 161 -4.86 3.55 -4.27
C ILE B 161 -4.61 5.01 -4.64
N ALA B 162 -4.22 5.82 -3.65
CA ALA B 162 -4.00 7.24 -3.91
C ALA B 162 -2.80 7.46 -4.80
N ILE B 163 -1.72 6.69 -4.61
CA ILE B 163 -0.49 6.93 -5.35
C ILE B 163 -0.58 6.35 -6.76
N LEU B 164 -1.03 5.09 -6.89
CA LEU B 164 -1.18 4.50 -8.22
C LEU B 164 -2.28 5.18 -9.01
N GLY B 165 -3.43 5.44 -8.35
CA GLY B 165 -4.50 6.17 -9.01
C GLY B 165 -4.07 7.56 -9.43
N SER B 166 -3.29 8.25 -8.61
CA SER B 166 -2.90 9.60 -8.98
C SER B 166 -1.97 9.59 -10.18
N TYR B 167 -1.02 8.65 -10.20
CA TYR B 167 -0.13 8.57 -11.36
C TYR B 167 -0.93 8.26 -12.61
N SER B 168 -1.89 7.33 -12.52
CA SER B 168 -2.66 6.99 -13.71
C SER B 168 -3.52 8.15 -14.17
N VAL B 169 -4.02 8.97 -13.23
CA VAL B 169 -4.71 10.19 -13.63
C VAL B 169 -3.74 11.13 -14.36
N TYR B 170 -2.52 11.27 -13.84
CA TYR B 170 -1.54 12.13 -14.50
C TYR B 170 -1.31 11.68 -15.94
N LEU B 171 -1.09 10.38 -16.15
CA LEU B 171 -0.75 9.89 -17.46
C LEU B 171 -1.89 10.10 -18.45
N ALA B 172 -3.12 9.82 -18.00
CA ALA B 172 -4.27 10.02 -18.87
C ALA B 172 -4.38 11.48 -19.31
N ILE B 173 -4.21 12.41 -18.37
CA ILE B 173 -4.30 13.82 -18.73
C ILE B 173 -3.19 14.16 -19.71
N HIS B 174 -1.96 13.73 -19.43
CA HIS B 174 -0.85 13.99 -20.33
C HIS B 174 -1.12 13.41 -21.72
N ASP B 175 -1.67 12.20 -21.79
CA ASP B 175 -1.86 11.55 -23.08
C ASP B 175 -2.93 12.25 -23.92
N MET B 176 -3.81 13.02 -23.31
CA MET B 176 -4.93 13.63 -24.02
C MET B 176 -4.66 15.07 -24.44
N GLY B 177 -3.52 15.64 -24.04
CA GLY B 177 -3.23 17.00 -24.41
C GLY B 177 -3.05 17.93 -23.22
N GLY B 178 -2.83 17.35 -22.06
CA GLY B 178 -2.51 18.13 -20.88
C GLY B 178 -3.71 18.75 -20.21
N LEU B 179 -3.41 19.47 -19.11
CA LEU B 179 -4.46 20.03 -18.26
C LEU B 179 -5.35 21.01 -19.02
N SER B 180 -4.81 21.69 -20.04
CA SER B 180 -5.60 22.63 -20.83
C SER B 180 -6.67 21.92 -21.63
N THR B 181 -6.30 20.85 -22.35
CA THR B 181 -7.30 20.07 -23.06
C THR B 181 -8.40 19.58 -22.13
N LEU B 182 -8.02 19.12 -20.93
CA LEU B 182 -9.02 18.62 -20.00
C LEU B 182 -9.95 19.73 -19.54
N MET B 183 -9.40 20.88 -19.17
CA MET B 183 -10.23 21.96 -18.65
C MET B 183 -11.08 22.63 -19.73
N ASN B 184 -10.94 22.24 -20.99
CA ASN B 184 -11.74 22.82 -22.06
C ASN B 184 -12.72 21.82 -22.65
N VAL B 185 -12.92 20.67 -22.02
CA VAL B 185 -13.88 19.68 -22.50
C VAL B 185 -15.27 20.12 -22.08
N LYS B 186 -16.17 20.24 -23.05
CA LYS B 186 -17.51 20.73 -22.78
C LYS B 186 -18.48 19.56 -22.78
N PRO B 187 -19.22 19.33 -21.70
CA PRO B 187 -20.19 18.24 -21.71
C PRO B 187 -21.25 18.50 -22.75
N THR B 188 -21.61 17.47 -23.50
CA THR B 188 -22.68 17.56 -24.49
C THR B 188 -23.95 16.83 -24.04
N GLN B 189 -24.00 16.42 -22.77
CA GLN B 189 -25.16 15.75 -22.20
C GLN B 189 -25.28 16.19 -20.74
N PRO B 190 -25.57 17.47 -20.52
CA PRO B 190 -25.30 18.07 -19.20
C PRO B 190 -26.19 17.48 -18.11
N LEU B 191 -25.82 17.82 -16.88
CA LEU B 191 -26.48 17.31 -15.71
C LEU B 191 -26.90 18.49 -14.86
N ASP B 192 -28.07 18.39 -14.22
CA ASP B 192 -28.48 19.44 -13.30
C ASP B 192 -27.57 19.47 -12.08
N PHE B 193 -27.32 20.68 -11.57
CA PHE B 193 -26.38 20.88 -10.47
C PHE B 193 -26.89 20.27 -9.17
N ASN B 194 -28.17 20.52 -8.83
CA ASN B 194 -28.75 19.95 -7.62
C ASN B 194 -28.75 18.42 -7.66
N LEU B 195 -28.90 17.84 -8.85
CA LEU B 195 -28.84 16.39 -8.95
C LEU B 195 -27.41 15.91 -8.72
N ALA B 196 -26.44 16.58 -9.34
CA ALA B 196 -25.04 16.26 -9.11
C ALA B 196 -24.71 16.32 -7.62
N LEU B 197 -25.14 17.39 -6.94
CA LEU B 197 -24.96 17.50 -5.50
C LEU B 197 -25.58 16.31 -4.78
N ALA B 198 -26.79 15.91 -5.16
CA ALA B 198 -27.41 14.74 -4.53
C ALA B 198 -26.62 13.48 -4.83
N MET B 199 -26.03 13.38 -6.03
CA MET B 199 -25.26 12.19 -6.35
C MET B 199 -24.00 12.11 -5.50
N VAL B 200 -23.27 13.22 -5.38
CA VAL B 200 -22.12 13.27 -4.47
C VAL B 200 -22.54 12.77 -3.09
N VAL B 201 -23.55 13.41 -2.50
CA VAL B 201 -23.98 13.05 -1.15
C VAL B 201 -24.46 11.61 -1.11
N GLY B 202 -25.27 11.20 -2.10
CA GLY B 202 -25.76 9.83 -2.11
C GLY B 202 -24.68 8.77 -2.21
N SER B 203 -23.51 9.14 -2.75
CA SER B 203 -22.41 8.18 -2.90
C SER B 203 -22.06 7.51 -1.57
N PHE B 204 -22.11 8.24 -0.45
CA PHE B 204 -21.82 7.59 0.83
C PHE B 204 -22.73 7.99 1.98
N ILE B 205 -23.94 8.48 1.70
CA ILE B 205 -24.84 8.86 2.79
C ILE B 205 -25.19 7.65 3.65
N SER B 206 -25.20 6.46 3.07
CA SER B 206 -25.60 5.27 3.82
C SER B 206 -24.50 4.77 4.74
N ALA B 207 -23.29 4.56 4.23
CA ALA B 207 -22.20 4.21 5.12
C ALA B 207 -21.85 5.37 6.04
N GLY B 208 -22.01 6.60 5.55
CA GLY B 208 -21.66 7.75 6.37
C GLY B 208 -22.52 7.84 7.61
N THR B 209 -23.79 7.43 7.50
CA THR B 209 -24.66 7.39 8.67
C THR B 209 -24.16 6.42 9.72
N LEU B 210 -23.39 5.41 9.33
CA LEU B 210 -22.82 4.46 10.27
C LEU B 210 -21.43 4.86 10.76
N THR B 211 -21.03 6.12 10.55
CA THR B 211 -19.70 6.57 10.95
C THR B 211 -19.35 6.17 12.39
N ALA B 212 -20.29 6.37 13.34
CA ALA B 212 -20.03 6.09 14.76
C ALA B 212 -19.60 4.65 14.99
N ASP B 213 -20.01 3.72 14.13
CA ASP B 213 -19.58 2.33 14.24
C ASP B 213 -18.06 2.22 14.23
N PHE B 214 -17.39 3.17 13.58
CA PHE B 214 -15.94 3.20 13.46
C PHE B 214 -15.28 4.24 14.35
N VAL B 215 -15.85 5.44 14.45
CA VAL B 215 -15.17 6.53 15.15
C VAL B 215 -15.41 6.46 16.66
N ARG B 216 -16.37 5.66 17.12
CA ARG B 216 -16.49 5.34 18.53
C ARG B 216 -15.16 4.89 19.14
N PHE B 217 -14.20 4.47 18.32
CA PHE B 217 -12.90 4.10 18.85
C PHE B 217 -12.00 5.31 19.09
N GLY B 218 -12.42 6.50 18.67
CA GLY B 218 -11.58 7.66 18.82
C GLY B 218 -11.41 8.04 20.28
N ARG B 219 -10.20 8.47 20.62
CA ARG B 219 -9.90 8.93 21.97
C ARG B 219 -10.48 10.32 22.20
N ASN B 220 -10.15 11.26 21.33
CA ASN B 220 -10.61 12.62 21.47
C ASN B 220 -11.70 12.88 20.45
N PRO B 221 -12.92 13.20 20.88
CA PRO B 221 -14.00 13.45 19.91
C PRO B 221 -13.70 14.54 18.89
N LYS B 222 -12.74 15.43 19.15
CA LYS B 222 -12.43 16.43 18.14
C LYS B 222 -11.69 15.79 16.97
N VAL B 223 -11.01 14.66 17.22
CA VAL B 223 -10.33 13.98 16.13
C VAL B 223 -11.35 13.36 15.19
N ALA B 224 -12.49 12.91 15.72
CA ALA B 224 -13.61 12.47 14.91
C ALA B 224 -13.93 13.46 13.80
N VAL B 225 -13.96 14.74 14.14
CA VAL B 225 -14.23 15.76 13.12
C VAL B 225 -13.14 15.74 12.06
N VAL B 226 -11.89 15.67 12.49
CA VAL B 226 -10.77 15.63 11.55
C VAL B 226 -10.88 14.42 10.64
N VAL B 227 -11.26 13.28 11.20
CA VAL B 227 -11.33 12.03 10.44
C VAL B 227 -12.42 12.13 9.39
N ALA B 228 -13.58 12.64 9.77
CA ALA B 228 -14.68 12.75 8.83
C ALA B 228 -14.32 13.70 7.69
N ILE B 229 -13.67 14.81 8.00
CA ILE B 229 -13.29 15.76 6.95
C ILE B 229 -12.30 15.11 5.99
N ILE B 230 -11.25 14.49 6.51
CA ILE B 230 -10.24 13.89 5.63
C ILE B 230 -10.86 12.79 4.77
N ALA B 231 -11.72 11.96 5.37
CA ALA B 231 -12.30 10.83 4.65
C ALA B 231 -13.35 11.28 3.63
N PHE B 232 -14.36 12.03 4.08
CA PHE B 232 -15.44 12.36 3.16
C PHE B 232 -15.15 13.60 2.33
N PHE B 233 -14.60 14.64 2.94
CA PHE B 233 -14.31 15.82 2.15
C PHE B 233 -13.17 15.54 1.18
N LEU B 234 -12.04 15.01 1.69
CA LEU B 234 -10.87 14.86 0.83
C LEU B 234 -10.85 13.52 0.09
N GLY B 235 -11.06 12.41 0.80
CA GLY B 235 -10.94 11.11 0.17
C GLY B 235 -11.96 10.90 -0.94
N ASN B 236 -13.25 11.16 -0.64
CA ASN B 236 -14.31 10.98 -1.62
C ASN B 236 -14.15 11.94 -2.79
N THR B 237 -13.66 13.16 -2.52
CA THR B 237 -13.32 14.06 -3.62
C THR B 237 -12.25 13.44 -4.52
N LEU B 238 -11.24 12.77 -3.94
CA LEU B 238 -10.19 12.18 -4.78
C LEU B 238 -10.77 11.07 -5.66
N MET B 239 -11.70 10.28 -5.12
CA MET B 239 -12.29 9.22 -5.92
C MET B 239 -13.10 9.81 -7.08
N PHE B 240 -13.87 10.86 -6.79
CA PHE B 240 -14.64 11.53 -7.83
C PHE B 240 -13.72 12.11 -8.89
N VAL B 241 -12.56 12.63 -8.49
CA VAL B 241 -11.61 13.18 -9.45
C VAL B 241 -11.04 12.06 -10.32
N PHE B 242 -10.75 10.90 -9.72
CA PHE B 242 -10.32 9.75 -10.51
C PHE B 242 -11.33 9.45 -11.62
N GLY B 243 -12.61 9.35 -11.24
CA GLY B 243 -13.64 9.01 -12.21
C GLY B 243 -13.76 10.00 -13.35
N ALA B 244 -13.83 11.29 -13.02
CA ALA B 244 -14.02 12.32 -14.05
C ALA B 244 -12.82 12.37 -15.00
N ALA B 245 -11.61 12.20 -14.47
CA ALA B 245 -10.41 12.20 -15.29
C ALA B 245 -10.43 11.03 -16.26
N GLY B 246 -10.91 9.88 -15.81
CA GLY B 246 -11.04 8.74 -16.70
C GLY B 246 -12.13 8.96 -17.73
N ALA B 247 -13.32 9.39 -17.27
CA ALA B 247 -14.39 9.63 -18.23
C ALA B 247 -13.97 10.64 -19.29
N ALA B 248 -13.17 11.65 -18.93
CA ALA B 248 -12.83 12.69 -19.89
C ALA B 248 -11.72 12.27 -20.85
N SER B 249 -10.75 11.47 -20.40
CA SER B 249 -9.64 11.10 -21.25
C SER B 249 -9.96 9.86 -22.10
N LEU B 250 -10.61 8.87 -21.52
CA LEU B 250 -10.83 7.61 -22.22
C LEU B 250 -12.25 7.08 -22.04
N GLY B 251 -13.14 7.85 -21.44
CA GLY B 251 -14.52 7.42 -21.33
C GLY B 251 -14.68 6.23 -20.40
N MET B 252 -13.80 6.07 -19.44
CA MET B 252 -13.88 4.96 -18.51
C MET B 252 -13.83 5.53 -17.11
N ALA B 253 -14.85 5.25 -16.31
CA ALA B 253 -14.99 5.97 -15.06
C ALA B 253 -14.21 5.32 -13.93
N ASP B 254 -13.91 4.03 -14.02
CA ASP B 254 -13.14 3.37 -12.97
C ASP B 254 -11.66 3.46 -13.30
N ILE B 255 -10.86 3.92 -12.34
CA ILE B 255 -9.45 4.17 -12.60
C ILE B 255 -8.75 2.87 -12.96
N SER B 256 -9.33 1.73 -12.59
CA SER B 256 -8.75 0.46 -12.97
C SER B 256 -8.93 0.17 -14.46
N ASP B 257 -10.07 0.55 -15.04
CA ASP B 257 -10.19 0.44 -16.50
C ASP B 257 -9.21 1.37 -17.19
N VAL B 258 -8.96 2.56 -16.60
CA VAL B 258 -7.96 3.46 -17.18
C VAL B 258 -6.59 2.79 -17.21
N MET B 259 -6.19 2.14 -16.11
CA MET B 259 -4.85 1.54 -16.11
C MET B 259 -4.75 0.35 -17.07
N ILE B 260 -5.83 -0.41 -17.23
CA ILE B 260 -5.83 -1.44 -18.26
C ILE B 260 -5.54 -0.81 -19.62
N ALA B 261 -6.24 0.29 -19.95
CA ALA B 261 -5.98 1.00 -21.19
C ALA B 261 -4.54 1.47 -21.28
N GLN B 262 -3.95 1.83 -20.15
CA GLN B 262 -2.56 2.26 -20.13
C GLN B 262 -1.59 1.09 -20.15
N GLY B 263 -2.08 -0.15 -20.26
CA GLY B 263 -1.23 -1.32 -20.19
C GLY B 263 -0.80 -1.71 -18.79
N LEU B 264 -1.36 -1.10 -17.74
CA LEU B 264 -0.93 -1.38 -16.37
C LEU B 264 -1.92 -2.34 -15.69
N LEU B 265 -1.97 -3.55 -16.23
CA LEU B 265 -2.97 -4.54 -15.80
C LEU B 265 -2.79 -4.94 -14.35
N LEU B 266 -1.53 -5.05 -13.89
CA LEU B 266 -1.31 -5.49 -12.52
C LEU B 266 -1.69 -4.39 -11.53
N PRO B 267 -1.32 -3.13 -11.74
CA PRO B 267 -1.92 -2.08 -10.91
C PRO B 267 -3.44 -2.09 -10.96
N ALA B 268 -4.01 -2.33 -12.14
CA ALA B 268 -5.45 -2.29 -12.27
C ALA B 268 -6.12 -3.29 -11.34
N ILE B 269 -5.64 -4.52 -11.32
CA ILE B 269 -6.24 -5.56 -10.49
C ILE B 269 -6.02 -5.26 -9.01
N VAL B 270 -4.90 -4.64 -8.67
CA VAL B 270 -4.57 -4.39 -7.27
C VAL B 270 -5.45 -3.28 -6.72
N VAL B 271 -5.47 -2.14 -7.42
CA VAL B 271 -6.29 -1.01 -7.02
C VAL B 271 -7.75 -1.43 -6.91
N LEU B 272 -8.26 -2.12 -7.93
CA LEU B 272 -9.64 -2.61 -7.88
C LEU B 272 -9.89 -3.42 -6.61
N GLY B 273 -9.01 -4.40 -6.33
CA GLY B 273 -9.24 -5.28 -5.21
C GLY B 273 -9.06 -4.58 -3.85
N LEU B 274 -8.04 -3.74 -3.71
CA LEU B 274 -7.84 -3.07 -2.43
C LEU B 274 -8.99 -2.13 -2.11
N ASN B 275 -9.54 -1.45 -3.13
CA ASN B 275 -10.57 -0.45 -2.89
C ASN B 275 -11.89 -1.10 -2.49
N ILE B 276 -12.17 -2.30 -2.97
CA ILE B 276 -13.42 -2.97 -2.64
C ILE B 276 -13.27 -3.75 -1.34
N TRP B 277 -12.10 -4.33 -1.14
CA TRP B 277 -11.83 -5.05 0.11
C TRP B 277 -12.05 -4.12 1.31
N THR B 278 -11.48 -2.93 1.26
CA THR B 278 -11.60 -2.03 2.40
C THR B 278 -13.05 -1.57 2.57
N THR B 279 -13.71 -1.19 1.48
CA THR B 279 -15.09 -0.71 1.62
C THR B 279 -16.01 -1.81 2.11
N ASN B 280 -15.88 -3.03 1.55
CA ASN B 280 -16.72 -4.15 1.97
C ASN B 280 -16.47 -4.52 3.44
N ASP B 281 -15.19 -4.48 3.86
CA ASP B 281 -14.81 -4.62 5.26
C ASP B 281 -15.71 -3.81 6.17
N ASN B 282 -15.73 -2.48 5.97
CA ASN B 282 -16.56 -1.61 6.80
C ASN B 282 -18.03 -2.02 6.71
N ALA B 283 -18.51 -2.37 5.51
CA ALA B 283 -19.91 -2.73 5.36
C ALA B 283 -20.26 -3.97 6.17
N LEU B 284 -19.49 -5.04 6.00
CA LEU B 284 -19.72 -6.26 6.75
C LEU B 284 -19.61 -5.98 8.26
N TYR B 285 -18.57 -5.25 8.66
CA TYR B 285 -18.35 -4.92 10.06
C TYR B 285 -19.56 -4.21 10.65
N ALA B 286 -20.03 -3.15 9.98
CA ALA B 286 -21.15 -2.39 10.53
C ALA B 286 -22.40 -3.24 10.60
N SER B 287 -22.61 -4.11 9.62
CA SER B 287 -23.82 -4.92 9.57
C SER B 287 -23.86 -5.93 10.72
N GLY B 288 -22.71 -6.45 11.13
CA GLY B 288 -22.70 -7.30 12.30
C GLY B 288 -23.05 -6.53 13.57
N LEU B 289 -22.59 -5.30 13.68
CA LEU B 289 -22.97 -4.52 14.84
C LEU B 289 -24.45 -4.22 14.81
N GLY B 290 -24.99 -3.97 13.60
CA GLY B 290 -26.41 -3.69 13.48
C GLY B 290 -27.27 -4.87 13.87
N PHE B 291 -26.87 -6.07 13.44
CA PHE B 291 -27.65 -7.26 13.77
C PHE B 291 -27.44 -7.68 15.23
N ALA B 292 -26.25 -7.44 15.79
CA ALA B 292 -26.04 -7.59 17.22
C ALA B 292 -27.05 -6.78 18.01
N ASN B 293 -27.22 -5.50 17.65
CA ASN B 293 -28.22 -4.66 18.31
C ASN B 293 -29.60 -5.31 18.35
N ILE B 294 -29.96 -6.09 17.33
CA ILE B 294 -31.30 -6.65 17.21
C ILE B 294 -31.42 -7.99 17.93
N THR B 295 -30.39 -8.83 17.83
CA THR B 295 -30.46 -10.19 18.32
C THR B 295 -29.67 -10.41 19.60
N GLY B 296 -28.71 -9.56 19.91
CA GLY B 296 -27.87 -9.78 21.05
C GLY B 296 -26.81 -10.84 20.84
N LEU B 297 -26.67 -11.35 19.63
CA LEU B 297 -25.62 -12.33 19.36
C LEU B 297 -24.31 -11.62 19.07
N SER B 298 -23.24 -12.41 19.09
CA SER B 298 -21.90 -11.92 18.74
C SER B 298 -21.93 -11.18 17.41
N SER B 299 -21.46 -9.92 17.45
CA SER B 299 -21.44 -9.14 16.22
C SER B 299 -20.46 -9.72 15.20
N LYS B 300 -19.37 -10.33 15.66
CA LYS B 300 -18.41 -10.88 14.71
C LYS B 300 -18.89 -12.20 14.15
N LYS B 301 -19.65 -12.97 14.92
CA LYS B 301 -20.25 -14.17 14.34
C LYS B 301 -21.31 -13.80 13.32
N LEU B 302 -22.12 -12.78 13.61
CA LEU B 302 -23.14 -12.35 12.66
C LEU B 302 -22.52 -11.82 11.38
N SER B 303 -21.41 -11.11 11.48
CA SER B 303 -20.83 -10.55 10.28
C SER B 303 -20.18 -11.64 9.43
N VAL B 304 -19.76 -12.74 10.05
CA VAL B 304 -19.37 -13.91 9.28
C VAL B 304 -20.56 -14.49 8.53
N ILE B 305 -21.71 -14.65 9.22
CA ILE B 305 -22.93 -15.07 8.55
C ILE B 305 -23.27 -14.10 7.42
N ASN B 306 -23.16 -12.80 7.70
CA ASN B 306 -23.46 -11.81 6.66
C ASN B 306 -22.52 -11.95 5.47
N GLY B 307 -21.26 -12.33 5.72
CA GLY B 307 -20.32 -12.47 4.62
C GLY B 307 -20.69 -13.65 3.73
N ILE B 308 -20.97 -14.80 4.35
CA ILE B 308 -21.38 -15.98 3.60
C ILE B 308 -22.62 -15.67 2.76
N VAL B 309 -23.69 -15.17 3.40
CA VAL B 309 -24.90 -14.85 2.65
C VAL B 309 -24.60 -13.80 1.58
N GLY B 310 -23.72 -12.85 1.87
CA GLY B 310 -23.41 -11.82 0.89
C GLY B 310 -22.60 -12.33 -0.28
N THR B 311 -21.85 -13.41 -0.07
CA THR B 311 -21.04 -13.92 -1.17
C THR B 311 -21.87 -14.82 -2.06
N VAL B 312 -22.62 -15.73 -1.45
CA VAL B 312 -23.56 -16.59 -2.18
C VAL B 312 -24.52 -15.78 -3.05
N CYS B 313 -24.93 -14.60 -2.59
CA CYS B 313 -25.92 -13.82 -3.34
C CYS B 313 -25.30 -12.64 -4.09
N ALA B 314 -23.98 -12.59 -4.23
CA ALA B 314 -23.33 -11.40 -4.78
C ALA B 314 -23.89 -11.03 -6.15
N LEU B 315 -23.90 -11.99 -7.09
CA LEU B 315 -24.36 -11.67 -8.45
C LEU B 315 -25.86 -11.36 -8.47
N TRP B 316 -26.66 -12.17 -7.79
CA TRP B 316 -28.08 -11.86 -7.68
C TRP B 316 -28.30 -10.45 -7.17
N LEU B 317 -27.47 -9.99 -6.21
CA LEU B 317 -27.64 -8.65 -5.66
C LEU B 317 -27.19 -7.60 -6.66
N TYR B 318 -26.02 -7.81 -7.26
CA TYR B 318 -25.52 -6.89 -8.28
C TYR B 318 -26.49 -6.76 -9.45
N ASN B 319 -27.16 -7.84 -9.83
CA ASN B 319 -28.07 -7.74 -10.97
C ASN B 319 -29.43 -7.16 -10.61
N ASN B 320 -29.91 -7.35 -9.38
CA ASN B 320 -31.31 -7.12 -9.06
C ASN B 320 -31.54 -6.11 -7.95
N PHE B 321 -30.88 -6.25 -6.82
CA PHE B 321 -31.29 -5.43 -5.68
C PHE B 321 -30.66 -4.04 -5.67
N VAL B 322 -29.92 -3.64 -6.70
CA VAL B 322 -29.28 -2.33 -6.62
C VAL B 322 -30.33 -1.23 -6.61
N GLY B 323 -31.41 -1.38 -7.39
CA GLY B 323 -32.51 -0.43 -7.32
C GLY B 323 -33.24 -0.48 -5.99
N TRP B 324 -33.52 -1.69 -5.49
CA TRP B 324 -34.16 -1.83 -4.19
C TRP B 324 -33.30 -1.21 -3.10
N LEU B 325 -32.01 -1.53 -3.10
CA LEU B 325 -31.11 -0.95 -2.11
C LEU B 325 -31.03 0.57 -2.25
N THR B 326 -31.10 1.09 -3.48
CA THR B 326 -31.17 2.54 -3.62
C THR B 326 -32.47 3.08 -3.03
N PHE B 327 -33.57 2.33 -3.20
CA PHE B 327 -34.87 2.78 -2.75
C PHE B 327 -34.95 2.78 -1.22
N LEU B 328 -34.61 1.66 -0.60
CA LEU B 328 -34.56 1.57 0.86
C LEU B 328 -33.70 2.64 1.47
N SER B 329 -32.70 3.12 0.76
CA SER B 329 -31.74 4.03 1.35
C SER B 329 -32.22 5.47 1.40
N ALA B 330 -33.38 5.77 0.82
CA ALA B 330 -33.97 7.09 1.02
C ALA B 330 -34.39 7.30 2.45
N ALA B 331 -34.58 6.21 3.20
CA ALA B 331 -34.94 6.27 4.60
C ALA B 331 -33.75 6.44 5.53
N ILE B 332 -32.53 6.50 4.99
CA ILE B 332 -31.32 6.57 5.81
C ILE B 332 -31.02 8.00 6.24
N PRO B 333 -31.01 9.00 5.35
CA PRO B 333 -30.63 10.38 5.78
C PRO B 333 -31.47 10.88 6.95
N PRO B 334 -32.79 10.62 6.99
CA PRO B 334 -33.56 11.09 8.16
C PRO B 334 -33.12 10.43 9.47
N VAL B 335 -32.79 9.14 9.44
CA VAL B 335 -32.27 8.48 10.63
C VAL B 335 -31.11 9.25 11.24
N GLY B 336 -30.17 9.70 10.40
CA GLY B 336 -29.06 10.47 10.92
C GLY B 336 -29.50 11.80 11.50
N GLY B 337 -30.41 12.48 10.80
CA GLY B 337 -30.98 13.69 11.36
C GLY B 337 -31.59 13.47 12.73
N VAL B 338 -32.37 12.41 12.87
CA VAL B 338 -33.00 12.12 14.16
C VAL B 338 -31.94 11.93 15.24
N ILE B 339 -30.98 11.04 14.99
CA ILE B 339 -29.94 10.77 15.97
C ILE B 339 -29.22 12.06 16.35
N ILE B 340 -28.78 12.83 15.36
CA ILE B 340 -28.10 14.07 15.67
C ILE B 340 -29.00 14.98 16.50
N ALA B 341 -30.28 15.08 16.11
CA ALA B 341 -31.22 15.90 16.88
C ALA B 341 -31.29 15.43 18.32
N ASP B 342 -31.62 14.15 18.53
CA ASP B 342 -31.80 13.63 19.88
C ASP B 342 -30.58 13.88 20.76
N TYR B 343 -29.38 13.89 20.18
CA TYR B 343 -28.21 14.19 20.99
C TYR B 343 -28.12 15.68 21.28
N LEU B 344 -28.32 16.50 20.26
CA LEU B 344 -28.15 17.94 20.43
C LEU B 344 -29.10 18.51 21.47
N MET B 345 -30.36 18.07 21.47
CA MET B 345 -31.34 18.62 22.38
C MET B 345 -31.33 17.94 23.75
N ASN B 346 -30.77 16.74 23.86
CA ASN B 346 -30.79 15.94 25.08
C ASN B 346 -29.37 15.49 25.46
N LYS B 347 -28.41 16.40 25.36
CA LYS B 347 -27.00 16.00 25.39
C LYS B 347 -26.67 15.15 26.61
N ALA B 348 -27.15 15.56 27.79
CA ALA B 348 -26.70 14.93 29.02
C ALA B 348 -27.18 13.48 29.14
N ARG B 349 -28.28 13.12 28.47
CA ARG B 349 -28.73 11.73 28.45
C ARG B 349 -27.64 10.78 27.99
N TYR B 350 -26.68 11.28 27.19
CA TYR B 350 -25.66 10.45 26.58
C TYR B 350 -24.41 10.32 27.44
N ASN B 351 -24.42 10.86 28.67
CA ASN B 351 -23.29 10.71 29.58
C ASN B 351 -23.26 9.32 30.21
N THR B 352 -24.34 8.57 30.11
CA THR B 352 -24.47 7.24 30.70
C THR B 352 -25.13 6.32 29.69
N PHE B 353 -24.78 5.02 29.74
CA PHE B 353 -25.48 3.98 28.97
C PHE B 353 -26.40 3.28 29.94
N ASN B 354 -27.64 3.74 30.00
CA ASN B 354 -28.57 3.31 31.04
C ASN B 354 -29.84 2.79 30.35
N ILE B 355 -30.02 1.46 30.40
CA ILE B 355 -31.17 0.86 29.74
C ILE B 355 -32.46 1.26 30.45
N ALA B 356 -32.38 1.67 31.71
CA ALA B 356 -33.54 1.97 32.53
C ALA B 356 -34.14 3.34 32.25
N THR B 357 -33.40 4.25 31.63
CA THR B 357 -33.94 5.52 31.20
C THR B 357 -34.06 5.58 29.67
N MET B 358 -34.45 4.46 29.05
CA MET B 358 -34.66 4.36 27.61
C MET B 358 -36.05 3.84 27.31
N GLN B 359 -36.69 4.40 26.29
CA GLN B 359 -38.00 3.91 25.91
C GLN B 359 -37.90 2.53 25.26
N SER B 360 -39.05 1.90 25.09
CA SER B 360 -39.11 0.67 24.30
C SER B 360 -39.22 1.00 22.82
N VAL B 361 -40.11 1.95 22.47
CA VAL B 361 -40.27 2.46 21.12
C VAL B 361 -40.71 3.91 21.22
N ASN B 362 -39.94 4.83 20.64
CA ASN B 362 -40.36 6.24 20.54
C ASN B 362 -40.93 6.47 19.15
N TRP B 363 -42.26 6.47 19.04
CA TRP B 363 -42.93 6.60 17.75
C TRP B 363 -42.69 7.94 17.09
N VAL B 364 -42.24 8.95 17.86
CA VAL B 364 -41.91 10.23 17.22
C VAL B 364 -40.59 10.11 16.47
N ALA B 365 -39.70 9.21 16.89
CA ALA B 365 -38.52 8.90 16.08
C ALA B 365 -38.94 8.40 14.70
N LEU B 366 -39.84 7.41 14.66
CA LEU B 366 -40.30 6.84 13.39
C LEU B 366 -41.07 7.86 12.57
N LEU B 367 -41.93 8.65 13.21
CA LEU B 367 -42.68 9.67 12.50
C LEU B 367 -41.74 10.69 11.87
N ALA B 368 -40.70 11.10 12.60
CA ALA B 368 -39.76 12.08 12.08
C ALA B 368 -39.04 11.55 10.84
N VAL B 369 -38.74 10.25 10.82
CA VAL B 369 -38.08 9.66 9.65
C VAL B 369 -38.99 9.77 8.43
N ALA B 370 -40.23 9.27 8.57
CA ALA B 370 -41.25 9.42 7.55
C ALA B 370 -41.40 10.87 7.11
N ILE B 371 -41.25 11.83 8.03
CA ILE B 371 -41.33 13.24 7.65
C ILE B 371 -40.17 13.63 6.76
N GLY B 372 -38.95 13.15 7.07
CA GLY B 372 -37.81 13.49 6.25
C GLY B 372 -37.84 12.86 4.88
N ILE B 373 -38.51 11.71 4.76
CA ILE B 373 -38.62 11.04 3.47
C ILE B 373 -39.43 11.89 2.50
N VAL B 374 -40.65 12.26 2.90
CA VAL B 374 -41.45 13.13 2.06
C VAL B 374 -40.82 14.51 1.94
N ALA B 375 -39.97 14.90 2.89
CA ALA B 375 -39.28 16.17 2.75
C ALA B 375 -38.31 16.14 1.58
N GLY B 376 -37.49 15.09 1.50
CA GLY B 376 -36.53 15.02 0.42
C GLY B 376 -37.21 14.86 -0.92
N HIS B 377 -38.39 14.23 -0.92
CA HIS B 377 -39.13 13.88 -2.11
C HIS B 377 -39.99 15.02 -2.64
N TRP B 378 -40.20 16.10 -1.87
CA TRP B 378 -41.12 17.14 -2.29
C TRP B 378 -40.51 18.54 -2.19
N LEU B 379 -39.61 18.77 -1.24
CA LEU B 379 -39.05 20.11 -1.12
C LEU B 379 -38.15 20.41 -2.31
N PRO B 380 -38.00 21.68 -2.67
CA PRO B 380 -36.94 22.06 -3.61
C PRO B 380 -35.57 22.00 -2.93
N GLY B 381 -34.55 21.92 -3.77
CA GLY B 381 -33.18 21.86 -3.28
C GLY B 381 -32.65 20.45 -3.23
N ILE B 382 -31.58 20.27 -2.43
CA ILE B 382 -30.85 19.01 -2.42
C ILE B 382 -31.68 17.97 -1.68
N VAL B 383 -32.04 16.88 -2.38
CA VAL B 383 -32.87 15.82 -1.80
C VAL B 383 -32.24 15.27 -0.52
N PRO B 384 -30.99 14.77 -0.53
CA PRO B 384 -30.43 14.25 0.74
C PRO B 384 -30.45 15.27 1.86
N VAL B 385 -30.13 16.54 1.55
CA VAL B 385 -30.13 17.58 2.56
C VAL B 385 -31.53 17.77 3.13
N ASN B 386 -32.53 17.90 2.25
CA ASN B 386 -33.90 18.09 2.72
C ASN B 386 -34.35 16.93 3.59
N ALA B 387 -33.86 15.71 3.30
CA ALA B 387 -34.25 14.54 4.08
C ALA B 387 -33.61 14.53 5.45
N VAL B 388 -32.36 15.01 5.56
CA VAL B 388 -31.70 15.02 6.86
C VAL B 388 -32.31 16.09 7.76
N LEU B 389 -32.42 17.31 7.25
CA LEU B 389 -33.06 18.35 8.05
C LEU B 389 -34.53 18.06 8.26
N GLY B 390 -35.16 17.34 7.34
CA GLY B 390 -36.53 16.90 7.53
C GLY B 390 -36.72 16.15 8.83
N GLY B 391 -35.97 15.07 9.01
CA GLY B 391 -36.08 14.31 10.25
C GLY B 391 -35.57 15.09 11.45
N ALA B 392 -34.52 15.87 11.27
CA ALA B 392 -33.90 16.56 12.39
C ALA B 392 -34.83 17.63 12.95
N ILE B 393 -35.41 18.45 12.08
CA ILE B 393 -36.24 19.56 12.55
C ILE B 393 -37.59 19.06 13.04
N SER B 394 -38.16 18.05 12.37
CA SER B 394 -39.43 17.52 12.83
C SER B 394 -39.28 16.83 14.17
N TYR B 395 -38.26 15.98 14.32
CA TYR B 395 -38.02 15.35 15.61
C TYR B 395 -37.78 16.39 16.70
N ALA B 396 -37.02 17.44 16.38
CA ALA B 396 -36.79 18.48 17.37
C ALA B 396 -38.08 19.24 17.69
N VAL B 397 -38.98 19.37 16.71
CA VAL B 397 -40.28 19.98 16.97
C VAL B 397 -41.18 18.99 17.71
N LEU B 398 -41.32 17.78 17.19
CA LEU B 398 -42.41 16.91 17.63
C LEU B 398 -42.11 16.18 18.94
N ASN B 399 -40.88 15.71 19.12
CA ASN B 399 -40.57 14.89 20.30
C ASN B 399 -40.97 15.53 21.63
N PRO B 400 -40.70 16.82 21.90
CA PRO B 400 -41.18 17.39 23.16
C PRO B 400 -42.69 17.34 23.30
N ILE B 401 -43.41 17.60 22.20
CA ILE B 401 -44.87 17.63 22.25
C ILE B 401 -45.45 16.24 22.44
N LEU B 402 -45.19 15.32 21.51
CA LEU B 402 -45.82 14.02 21.52
C LEU B 402 -45.10 12.98 22.37
N ASN B 403 -43.97 13.34 22.97
CA ASN B 403 -43.20 12.36 23.74
C ASN B 403 -42.61 12.97 25.02
#